data_368D
# 
_entry.id   368D 
# 
_audit_conform.dict_name       mmcif_pdbx.dic 
_audit_conform.dict_version    5.387 
_audit_conform.dict_location   http://mmcif.pdb.org/dictionaries/ascii/mmcif_pdbx.dic 
# 
loop_
_database_2.database_id 
_database_2.database_code 
_database_2.pdbx_database_accession 
_database_2.pdbx_DOI 
PDB   368D         pdb_0000368d 10.2210/pdb368d/pdb 
RCSB  ADH0102      ?            ?                   
WWPDB D_1000178837 ?            ?                   
# 
loop_
_pdbx_audit_revision_history.ordinal 
_pdbx_audit_revision_history.data_content_type 
_pdbx_audit_revision_history.major_revision 
_pdbx_audit_revision_history.minor_revision 
_pdbx_audit_revision_history.revision_date 
1 'Structure model' 1 0 1998-07-15 
2 'Structure model' 1 1 2008-05-22 
3 'Structure model' 1 2 2011-07-13 
4 'Structure model' 1 3 2024-02-21 
# 
_pdbx_audit_revision_details.ordinal             1 
_pdbx_audit_revision_details.revision_ordinal    1 
_pdbx_audit_revision_details.data_content_type   'Structure model' 
_pdbx_audit_revision_details.provider            repository 
_pdbx_audit_revision_details.type                'Initial release' 
_pdbx_audit_revision_details.description         ? 
_pdbx_audit_revision_details.details             ? 
# 
loop_
_pdbx_audit_revision_group.ordinal 
_pdbx_audit_revision_group.revision_ordinal 
_pdbx_audit_revision_group.data_content_type 
_pdbx_audit_revision_group.group 
1 2 'Structure model' 'Version format compliance' 
2 3 'Structure model' 'Version format compliance' 
3 4 'Structure model' 'Data collection'           
4 4 'Structure model' 'Database references'       
# 
loop_
_pdbx_audit_revision_category.ordinal 
_pdbx_audit_revision_category.revision_ordinal 
_pdbx_audit_revision_category.data_content_type 
_pdbx_audit_revision_category.category 
1 4 'Structure model' chem_comp_atom 
2 4 'Structure model' chem_comp_bond 
3 4 'Structure model' database_2     
# 
loop_
_pdbx_audit_revision_item.ordinal 
_pdbx_audit_revision_item.revision_ordinal 
_pdbx_audit_revision_item.data_content_type 
_pdbx_audit_revision_item.item 
1 4 'Structure model' '_database_2.pdbx_DOI'                
2 4 'Structure model' '_database_2.pdbx_database_accession' 
# 
_pdbx_database_status.status_code                     REL 
_pdbx_database_status.entry_id                        368D 
_pdbx_database_status.recvd_initial_deposition_date   1997-12-19 
_pdbx_database_status.deposit_site                    NDB 
_pdbx_database_status.process_site                    NDB 
_pdbx_database_status.SG_entry                        . 
_pdbx_database_status.pdb_format_compatible           Y 
_pdbx_database_status.status_code_mr                  ? 
_pdbx_database_status.status_code_sf                  ? 
_pdbx_database_status.status_code_cs                  ? 
_pdbx_database_status.status_code_nmr_data            ? 
_pdbx_database_status.methods_development_category    ? 
# 
loop_
_audit_author.name 
_audit_author.pdbx_ordinal 
'Fernandez, L.G.' 1 
'Subirana, J.A.'  2 
'Verdaguer, N.'   3 
'Pyshnyi, D.'     4 
'Campos, L.'      5 
'Malinina, L.'    6 
# 
_citation.id                        primary 
_citation.title                     'Structural variability of A-DNA in crystals of the octamer d(pCpCpCpGpCpGpGpG)' 
_citation.journal_abbrev            J.Biomol.Struct.Dyn. 
_citation.journal_volume            15 
_citation.page_first                151 
_citation.page_last                 163 
_citation.year                      1997 
_citation.journal_id_ASTM           JBSDD6 
_citation.country                   US 
_citation.journal_id_ISSN           0739-1102 
_citation.journal_id_CSD            0646 
_citation.book_publisher            ? 
_citation.pdbx_database_id_PubMed   9283988 
_citation.pdbx_database_id_DOI      ? 
# 
loop_
_citation_author.citation_id 
_citation_author.name 
_citation_author.ordinal 
_citation_author.identifier_ORCID 
primary 'Fernandez, L.G.' 1 ? 
primary 'Subirana, J.A.'  2 ? 
primary 'Verdaguer, N.'   3 ? 
primary 'Pyshnyi, D.'     4 ? 
primary 'Campos, L.'      5 ? 
primary 'Malinina, L.'    6 ? 
# 
loop_
_entity.id 
_entity.type 
_entity.src_method 
_entity.pdbx_description 
_entity.formula_weight 
_entity.pdbx_number_of_molecules 
_entity.pdbx_ec 
_entity.pdbx_mutation 
_entity.pdbx_fragment 
_entity.details 
1 polymer man 
;DNA (5'-D(P*CP*CP*CP*GP*CP*GP*GP*G)-3')
;
2428.593 2  ? ? ? ? 
2 water   nat water                                     18.015   65 ? ? ? ? 
# 
_entity_poly.entity_id                      1 
_entity_poly.type                           polydeoxyribonucleotide 
_entity_poly.nstd_linkage                   no 
_entity_poly.nstd_monomer                   no 
_entity_poly.pdbx_seq_one_letter_code       '(DC)(DC)(DC)(DG)(DC)(DG)(DG)(DG)' 
_entity_poly.pdbx_seq_one_letter_code_can   CCCGCGGG 
_entity_poly.pdbx_strand_id                 A,B 
_entity_poly.pdbx_target_identifier         ? 
# 
_pdbx_entity_nonpoly.entity_id   2 
_pdbx_entity_nonpoly.name        water 
_pdbx_entity_nonpoly.comp_id     HOH 
# 
loop_
_entity_poly_seq.entity_id 
_entity_poly_seq.num 
_entity_poly_seq.mon_id 
_entity_poly_seq.hetero 
1 1 DC n 
1 2 DC n 
1 3 DC n 
1 4 DG n 
1 5 DC n 
1 6 DG n 
1 7 DG n 
1 8 DG n 
# 
loop_
_chem_comp.id 
_chem_comp.type 
_chem_comp.mon_nstd_flag 
_chem_comp.name 
_chem_comp.pdbx_synonyms 
_chem_comp.formula 
_chem_comp.formula_weight 
DC  'DNA linking' y "2'-DEOXYCYTIDINE-5'-MONOPHOSPHATE"  ? 'C9 H14 N3 O7 P'  307.197 
DG  'DNA linking' y "2'-DEOXYGUANOSINE-5'-MONOPHOSPHATE" ? 'C10 H14 N5 O7 P' 347.221 
HOH non-polymer   . WATER                                ? 'H2 O'            18.015  
# 
loop_
_pdbx_poly_seq_scheme.asym_id 
_pdbx_poly_seq_scheme.entity_id 
_pdbx_poly_seq_scheme.seq_id 
_pdbx_poly_seq_scheme.mon_id 
_pdbx_poly_seq_scheme.ndb_seq_num 
_pdbx_poly_seq_scheme.pdb_seq_num 
_pdbx_poly_seq_scheme.auth_seq_num 
_pdbx_poly_seq_scheme.pdb_mon_id 
_pdbx_poly_seq_scheme.auth_mon_id 
_pdbx_poly_seq_scheme.pdb_strand_id 
_pdbx_poly_seq_scheme.pdb_ins_code 
_pdbx_poly_seq_scheme.hetero 
A 1 1 DC 1 1  1  DC C A . n 
A 1 2 DC 2 2  2  DC C A . n 
A 1 3 DC 3 3  3  DC C A . n 
A 1 4 DG 4 4  4  DG G A . n 
A 1 5 DC 5 5  5  DC C A . n 
A 1 6 DG 6 6  6  DG G A . n 
A 1 7 DG 7 7  7  DG G A . n 
A 1 8 DG 8 8  8  DG G A . n 
B 1 1 DC 1 9  9  DC C B . n 
B 1 2 DC 2 10 10 DC C B . n 
B 1 3 DC 3 11 11 DC C B . n 
B 1 4 DG 4 12 12 DG G B . n 
B 1 5 DC 5 13 13 DC C B . n 
B 1 6 DG 6 14 14 DG G B . n 
B 1 7 DG 7 15 15 DG G B . n 
B 1 8 DG 8 16 16 DG G B . n 
# 
loop_
_pdbx_nonpoly_scheme.asym_id 
_pdbx_nonpoly_scheme.entity_id 
_pdbx_nonpoly_scheme.mon_id 
_pdbx_nonpoly_scheme.ndb_seq_num 
_pdbx_nonpoly_scheme.pdb_seq_num 
_pdbx_nonpoly_scheme.auth_seq_num 
_pdbx_nonpoly_scheme.pdb_mon_id 
_pdbx_nonpoly_scheme.auth_mon_id 
_pdbx_nonpoly_scheme.pdb_strand_id 
_pdbx_nonpoly_scheme.pdb_ins_code 
C 2 HOH 1  24 24 HOH HOH A . 
C 2 HOH 2  25 25 HOH HOH A . 
C 2 HOH 3  26 26 HOH HOH A . 
C 2 HOH 4  28 28 HOH HOH A . 
C 2 HOH 5  30 30 HOH HOH A . 
C 2 HOH 6  31 31 HOH HOH A . 
C 2 HOH 7  32 32 HOH HOH A . 
C 2 HOH 8  37 37 HOH HOH A . 
C 2 HOH 9  38 38 HOH HOH A . 
C 2 HOH 10 39 39 HOH HOH A . 
C 2 HOH 11 40 40 HOH HOH A . 
C 2 HOH 12 42 42 HOH HOH A . 
C 2 HOH 13 44 44 HOH HOH A . 
C 2 HOH 14 45 45 HOH HOH A . 
C 2 HOH 15 47 47 HOH HOH A . 
C 2 HOH 16 48 48 HOH HOH A . 
C 2 HOH 17 49 49 HOH HOH A . 
C 2 HOH 18 50 50 HOH HOH A . 
C 2 HOH 19 53 53 HOH HOH A . 
C 2 HOH 20 54 54 HOH HOH A . 
C 2 HOH 21 56 56 HOH HOH A . 
C 2 HOH 22 60 60 HOH HOH A . 
C 2 HOH 23 62 62 HOH HOH A . 
C 2 HOH 24 65 65 HOH HOH A . 
C 2 HOH 25 69 69 HOH HOH A . 
C 2 HOH 26 71 71 HOH HOH A . 
C 2 HOH 27 72 72 HOH HOH A . 
C 2 HOH 28 73 73 HOH HOH A . 
C 2 HOH 29 77 77 HOH HOH A . 
C 2 HOH 30 78 78 HOH HOH A . 
C 2 HOH 31 80 80 HOH HOH A . 
C 2 HOH 32 81 81 HOH HOH A . 
C 2 HOH 33 83 83 HOH HOH A . 
C 2 HOH 34 84 84 HOH HOH A . 
D 2 HOH 1  21 21 HOH HOH B . 
D 2 HOH 2  22 22 HOH HOH B . 
D 2 HOH 3  23 23 HOH HOH B . 
D 2 HOH 4  27 27 HOH HOH B . 
D 2 HOH 5  29 29 HOH HOH B . 
D 2 HOH 6  33 33 HOH HOH B . 
D 2 HOH 7  34 34 HOH HOH B . 
D 2 HOH 8  35 35 HOH HOH B . 
D 2 HOH 9  36 36 HOH HOH B . 
D 2 HOH 10 41 41 HOH HOH B . 
D 2 HOH 11 43 43 HOH HOH B . 
D 2 HOH 12 46 46 HOH HOH B . 
D 2 HOH 13 51 51 HOH HOH B . 
D 2 HOH 14 55 55 HOH HOH B . 
D 2 HOH 15 57 57 HOH HOH B . 
D 2 HOH 16 58 58 HOH HOH B . 
D 2 HOH 17 59 59 HOH HOH B . 
D 2 HOH 18 61 61 HOH HOH B . 
D 2 HOH 19 63 63 HOH HOH B . 
D 2 HOH 20 64 64 HOH HOH B . 
D 2 HOH 21 67 67 HOH HOH B . 
D 2 HOH 22 68 68 HOH HOH B . 
D 2 HOH 23 70 70 HOH HOH B . 
D 2 HOH 24 74 74 HOH HOH B . 
D 2 HOH 25 75 75 HOH HOH B . 
D 2 HOH 26 76 76 HOH HOH B . 
D 2 HOH 27 79 79 HOH HOH B . 
D 2 HOH 28 82 82 HOH HOH B . 
D 2 HOH 29 85 85 HOH HOH B . 
D 2 HOH 30 86 86 HOH HOH B . 
D 2 HOH 31 87 87 HOH HOH B . 
# 
loop_
_software.name 
_software.classification 
_software.version 
_software.citation_id 
_software.pdbx_ordinal 
X-PLOR    refinement       3.1 ? 1 
DENZO     'data reduction' .   ? 2 
SCALEPACK 'data scaling'   .   ? 3 
# 
_cell.entry_id           368D 
_cell.length_a           21.840 
_cell.length_b           35.400 
_cell.length_c           41.170 
_cell.angle_alpha        90.00 
_cell.angle_beta         90.00 
_cell.angle_gamma        90.00 
_cell.Z_PDB              8 
_cell.pdbx_unique_axis   ? 
# 
_symmetry.entry_id                         368D 
_symmetry.space_group_name_H-M             'P 21 21 21' 
_symmetry.pdbx_full_space_group_name_H-M   ? 
_symmetry.cell_setting                     ? 
_symmetry.Int_Tables_number                19 
# 
_exptl.entry_id          368D 
_exptl.method            'X-RAY DIFFRACTION' 
_exptl.crystals_number   1 
# 
_exptl_crystal.id                    1 
_exptl_crystal.density_meas          ? 
_exptl_crystal.density_Matthews      1.64 
_exptl_crystal.density_percent_sol   24.92 
_exptl_crystal.description           ? 
# 
_exptl_crystal_grow.crystal_id      1 
_exptl_crystal_grow.method          ? 
_exptl_crystal_grow.temp            ? 
_exptl_crystal_grow.temp_details    ? 
_exptl_crystal_grow.pH              6.00 
_exptl_crystal_grow.pdbx_details    'pH 6.00' 
_exptl_crystal_grow.pdbx_pH_range   ? 
# 
loop_
_exptl_crystal_grow_comp.crystal_id 
_exptl_crystal_grow_comp.id 
_exptl_crystal_grow_comp.sol_id 
_exptl_crystal_grow_comp.name 
_exptl_crystal_grow_comp.volume 
_exptl_crystal_grow_comp.conc 
_exptl_crystal_grow_comp.details 
1 1 1 WATER    ? ? ? 
1 2 1 SPERMINE ? ? ? 
1 3 1 NACL     ? ? ? 
1 4 1 MPD      ? ? ? 
# 
_diffrn.id                     1 
_diffrn.ambient_temp           293.00 
_diffrn.ambient_temp_details   ? 
_diffrn.crystal_id             1 
# 
_diffrn_detector.diffrn_id              1 
_diffrn_detector.detector               'IMAGE PLATE' 
_diffrn_detector.type                   MARRESEARCH 
_diffrn_detector.pdbx_collection_date   1996-01-01 
_diffrn_detector.details                'COLLIMATOR 0.4' 
# 
_diffrn_radiation.diffrn_id                        1 
_diffrn_radiation.wavelength_id                    1 
_diffrn_radiation.pdbx_monochromatic_or_laue_m_l   M 
_diffrn_radiation.monochromator                    GRAPHITE 
_diffrn_radiation.pdbx_diffrn_protocol             ? 
_diffrn_radiation.pdbx_scattering_type             x-ray 
# 
_diffrn_radiation_wavelength.id           1 
_diffrn_radiation_wavelength.wavelength   . 
_diffrn_radiation_wavelength.wt           1.0 
# 
_diffrn_source.diffrn_id                   1 
_diffrn_source.source                      'ROTATING ANODE' 
_diffrn_source.type                        'RIGAKU RU200' 
_diffrn_source.pdbx_synchrotron_site       ? 
_diffrn_source.pdbx_synchrotron_beamline   ? 
_diffrn_source.pdbx_wavelength             ? 
_diffrn_source.pdbx_wavelength_list        ? 
# 
_reflns.entry_id                     368D 
_reflns.observed_criterion_sigma_I   ? 
_reflns.observed_criterion_sigma_F   ? 
_reflns.d_resolution_low             20.000 
_reflns.d_resolution_high            1.600 
_reflns.number_obs                   4262 
_reflns.number_all                   ? 
_reflns.percent_possible_obs         94.800 
_reflns.pdbx_Rmerge_I_obs            0.0680000 
_reflns.pdbx_Rsym_value              ? 
_reflns.pdbx_netI_over_sigmaI        7.5000 
_reflns.B_iso_Wilson_estimate        ? 
_reflns.pdbx_redundancy              5.267 
_reflns.pdbx_diffrn_id               1 
_reflns.pdbx_ordinal                 1 
# 
_reflns_shell.d_res_high             1.600 
_reflns_shell.d_res_low              1.660 
_reflns_shell.percent_possible_all   91.20 
_reflns_shell.Rmerge_I_obs           0.2100000 
_reflns_shell.pdbx_Rsym_value        ? 
_reflns_shell.meanI_over_sigI_obs    ? 
_reflns_shell.pdbx_redundancy        ? 
_reflns_shell.pdbx_diffrn_id         ? 
_reflns_shell.pdbx_ordinal           1 
# 
_refine.entry_id                                 368D 
_refine.ls_number_reflns_obs                     4250 
_refine.ls_number_reflns_all                     ? 
_refine.pdbx_ls_sigma_I                          ? 
_refine.pdbx_ls_sigma_F                          2.000 
_refine.pdbx_data_cutoff_high_absF               ? 
_refine.pdbx_data_cutoff_low_absF                ? 
_refine.pdbx_data_cutoff_high_rms_absF           ? 
_refine.ls_d_res_low                             8.000 
_refine.ls_d_res_high                            1.600 
_refine.ls_percent_reflns_obs                    92.820 
_refine.ls_R_factor_obs                          0.1690000 
_refine.ls_R_factor_all                          0.1740000 
_refine.ls_R_factor_R_work                       0.1690000 
_refine.ls_R_factor_R_free                       0.2170000 
_refine.ls_R_factor_R_free_error                 ? 
_refine.ls_R_factor_R_free_error_details         ? 
_refine.ls_percent_reflns_R_free                 9.720 
_refine.ls_number_reflns_R_free                  436 
_refine.ls_number_parameters                     ? 
_refine.ls_number_restraints                     ? 
_refine.occupancy_min                            ? 
_refine.occupancy_max                            ? 
_refine.B_iso_mean                               ? 
_refine.aniso_B[1][1]                            ? 
_refine.aniso_B[2][2]                            ? 
_refine.aniso_B[3][3]                            ? 
_refine.aniso_B[1][2]                            ? 
_refine.aniso_B[1][3]                            ? 
_refine.aniso_B[2][3]                            ? 
_refine.solvent_model_details                    ? 
_refine.solvent_model_param_ksol                 ? 
_refine.solvent_model_param_bsol                 ? 
_refine.pdbx_ls_cross_valid_method               R-FREE 
_refine.details                                  ? 
_refine.pdbx_starting_model                      ? 
_refine.pdbx_method_to_determine_struct          ? 
_refine.pdbx_isotropic_thermal_model             ? 
_refine.pdbx_stereochemistry_target_values       ? 
_refine.pdbx_stereochem_target_val_spec_case     ? 
_refine.pdbx_R_Free_selection_details            RANDOM 
_refine.pdbx_overall_ESU_R                       ? 
_refine.pdbx_overall_ESU_R_Free                  ? 
_refine.overall_SU_ML                            ? 
_refine.overall_SU_B                             ? 
_refine.pdbx_refine_id                           'X-RAY DIFFRACTION' 
_refine.pdbx_diffrn_id                           1 
_refine.pdbx_TLS_residual_ADP_flag               ? 
_refine.correlation_coeff_Fo_to_Fc               ? 
_refine.correlation_coeff_Fo_to_Fc_free          ? 
_refine.pdbx_solvent_vdw_probe_radii             ? 
_refine.pdbx_solvent_ion_probe_radii             ? 
_refine.pdbx_solvent_shrinkage_radii             ? 
_refine.pdbx_overall_phase_error                 ? 
_refine.overall_SU_R_Cruickshank_DPI             ? 
_refine.pdbx_overall_SU_R_free_Cruickshank_DPI   ? 
_refine.pdbx_overall_SU_R_Blow_DPI               ? 
_refine.pdbx_overall_SU_R_free_Blow_DPI          ? 
# 
_refine_analyze.entry_id                        368D 
_refine_analyze.Luzzati_coordinate_error_obs    0.17 
_refine_analyze.Luzzati_sigma_a_obs             0.14 
_refine_analyze.Luzzati_d_res_low_obs           5.00 
_refine_analyze.Luzzati_coordinate_error_free   0.20 
_refine_analyze.Luzzati_sigma_a_free            0.02 
_refine_analyze.Luzzati_d_res_low_free          ? 
_refine_analyze.number_disordered_residues      ? 
_refine_analyze.occupancy_sum_hydrogen          ? 
_refine_analyze.occupancy_sum_non_hydrogen      ? 
_refine_analyze.pdbx_refine_id                  'X-RAY DIFFRACTION' 
# 
_refine_hist.pdbx_refine_id                   'X-RAY DIFFRACTION' 
_refine_hist.cycle_id                         LAST 
_refine_hist.pdbx_number_atoms_protein        0 
_refine_hist.pdbx_number_atoms_nucleic_acid   330 
_refine_hist.pdbx_number_atoms_ligand         0 
_refine_hist.number_atoms_solvent             65 
_refine_hist.number_atoms_total               395 
_refine_hist.d_res_high                       1.600 
_refine_hist.d_res_low                        8.000 
# 
loop_
_refine_ls_restr.type 
_refine_ls_restr.dev_ideal 
_refine_ls_restr.dev_ideal_target 
_refine_ls_restr.weight 
_refine_ls_restr.number 
_refine_ls_restr.pdbx_refine_id 
_refine_ls_restr.pdbx_restraint_function 
x_bond_d                0.009 ? ? ? 'X-RAY DIFFRACTION' ? 
x_bond_d_na             1.390 ? ? ? 'X-RAY DIFFRACTION' ? 
x_bond_d_prot           ?     ? ? ? 'X-RAY DIFFRACTION' ? 
x_angle_d               ?     ? ? ? 'X-RAY DIFFRACTION' ? 
x_angle_d_na            ?     ? ? ? 'X-RAY DIFFRACTION' ? 
x_angle_d_prot          ?     ? ? ? 'X-RAY DIFFRACTION' ? 
x_angle_deg             1.39  ? ? ? 'X-RAY DIFFRACTION' ? 
x_angle_deg_na          ?     ? ? ? 'X-RAY DIFFRACTION' ? 
x_angle_deg_prot        ?     ? ? ? 'X-RAY DIFFRACTION' ? 
x_dihedral_angle_d      11.0  ? ? ? 'X-RAY DIFFRACTION' ? 
x_dihedral_angle_d_na   ?     ? ? ? 'X-RAY DIFFRACTION' ? 
x_dihedral_angle_d_prot ?     ? ? ? 'X-RAY DIFFRACTION' ? 
x_improper_angle_d      1.59  ? ? ? 'X-RAY DIFFRACTION' ? 
x_improper_angle_d_na   ?     ? ? ? 'X-RAY DIFFRACTION' ? 
x_improper_angle_d_prot ?     ? ? ? 'X-RAY DIFFRACTION' ? 
x_mcbond_it             ?     ? ? ? 'X-RAY DIFFRACTION' ? 
x_mcangle_it            ?     ? ? ? 'X-RAY DIFFRACTION' ? 
x_scbond_it             ?     ? ? ? 'X-RAY DIFFRACTION' ? 
x_scangle_it            ?     ? ? ? 'X-RAY DIFFRACTION' ? 
# 
_refine_ls_shell.pdbx_total_number_of_bins_used   10 
_refine_ls_shell.d_res_high                       1.60 
_refine_ls_shell.d_res_low                        1.67 
_refine_ls_shell.number_reflns_R_work             406 
_refine_ls_shell.R_factor_R_work                  0.2110000 
_refine_ls_shell.percent_reflns_obs               82.70 
_refine_ls_shell.R_factor_R_free                  0.1800000 
_refine_ls_shell.R_factor_R_free_error            ? 
_refine_ls_shell.percent_reflns_R_free            9.55 
_refine_ls_shell.number_reflns_R_free             53 
_refine_ls_shell.pdbx_refine_id                   'X-RAY DIFFRACTION' 
_refine_ls_shell.number_reflns_all                ? 
_refine_ls_shell.R_factor_all                     ? 
# 
_pdbx_xplor_file.serial_no        1 
_pdbx_xplor_file.param_file       PARAM_NDBX_HIGH.DNA 
_pdbx_xplor_file.topol_file       TOP_NDBX.DNA 
_pdbx_xplor_file.pdbx_refine_id   'X-RAY DIFFRACTION' 
# 
_struct.entry_id                  368D 
_struct.title                     'STRUCTURAL VARIABILITY OF A-DNA IN CRYSTALS OF THE OCTAMER D(PCPCPCPGPCPGPGPG)' 
_struct.pdbx_model_details        ? 
_struct.pdbx_CASP_flag            ? 
_struct.pdbx_model_type_details   ? 
# 
_struct_keywords.entry_id        368D 
_struct_keywords.pdbx_keywords   DNA 
_struct_keywords.text            'A-DNA, DOUBLE HELIX, DNA' 
# 
loop_
_struct_asym.id 
_struct_asym.pdbx_blank_PDB_chainid_flag 
_struct_asym.pdbx_modified 
_struct_asym.entity_id 
_struct_asym.details 
A N N 1 ? 
B N N 1 ? 
C N N 2 ? 
D N N 2 ? 
# 
_struct_ref.id                         1 
_struct_ref.entity_id                  1 
_struct_ref.db_name                    PDB 
_struct_ref.db_code                    368D 
_struct_ref.pdbx_db_accession          368D 
_struct_ref.pdbx_db_isoform            ? 
_struct_ref.pdbx_seq_one_letter_code   ? 
_struct_ref.pdbx_align_begin           ? 
# 
loop_
_struct_ref_seq.align_id 
_struct_ref_seq.ref_id 
_struct_ref_seq.pdbx_PDB_id_code 
_struct_ref_seq.pdbx_strand_id 
_struct_ref_seq.seq_align_beg 
_struct_ref_seq.pdbx_seq_align_beg_ins_code 
_struct_ref_seq.seq_align_end 
_struct_ref_seq.pdbx_seq_align_end_ins_code 
_struct_ref_seq.pdbx_db_accession 
_struct_ref_seq.db_align_beg 
_struct_ref_seq.pdbx_db_align_beg_ins_code 
_struct_ref_seq.db_align_end 
_struct_ref_seq.pdbx_db_align_end_ins_code 
_struct_ref_seq.pdbx_auth_seq_align_beg 
_struct_ref_seq.pdbx_auth_seq_align_end 
1 1 368D A 1 ? 8 ? 368D 1 ? 8  ? 1 8  
2 1 368D B 1 ? 8 ? 368D 9 ? 16 ? 9 16 
# 
_pdbx_struct_assembly.id                   1 
_pdbx_struct_assembly.details              author_defined_assembly 
_pdbx_struct_assembly.method_details       ? 
_pdbx_struct_assembly.oligomeric_details   dimeric 
_pdbx_struct_assembly.oligomeric_count     2 
# 
_pdbx_struct_assembly_gen.assembly_id       1 
_pdbx_struct_assembly_gen.oper_expression   1 
_pdbx_struct_assembly_gen.asym_id_list      A,B,C,D 
# 
_pdbx_struct_oper_list.id                   1 
_pdbx_struct_oper_list.type                 'identity operation' 
_pdbx_struct_oper_list.name                 1_555 
_pdbx_struct_oper_list.symmetry_operation   x,y,z 
_pdbx_struct_oper_list.matrix[1][1]         1.0000000000 
_pdbx_struct_oper_list.matrix[1][2]         0.0000000000 
_pdbx_struct_oper_list.matrix[1][3]         0.0000000000 
_pdbx_struct_oper_list.vector[1]            0.0000000000 
_pdbx_struct_oper_list.matrix[2][1]         0.0000000000 
_pdbx_struct_oper_list.matrix[2][2]         1.0000000000 
_pdbx_struct_oper_list.matrix[2][3]         0.0000000000 
_pdbx_struct_oper_list.vector[2]            0.0000000000 
_pdbx_struct_oper_list.matrix[3][1]         0.0000000000 
_pdbx_struct_oper_list.matrix[3][2]         0.0000000000 
_pdbx_struct_oper_list.matrix[3][3]         1.0000000000 
_pdbx_struct_oper_list.vector[3]            0.0000000000 
# 
_struct_biol.id   1 
# 
loop_
_struct_conn.id 
_struct_conn.conn_type_id 
_struct_conn.pdbx_leaving_atom_flag 
_struct_conn.pdbx_PDB_id 
_struct_conn.ptnr1_label_asym_id 
_struct_conn.ptnr1_label_comp_id 
_struct_conn.ptnr1_label_seq_id 
_struct_conn.ptnr1_label_atom_id 
_struct_conn.pdbx_ptnr1_label_alt_id 
_struct_conn.pdbx_ptnr1_PDB_ins_code 
_struct_conn.pdbx_ptnr1_standard_comp_id 
_struct_conn.ptnr1_symmetry 
_struct_conn.ptnr2_label_asym_id 
_struct_conn.ptnr2_label_comp_id 
_struct_conn.ptnr2_label_seq_id 
_struct_conn.ptnr2_label_atom_id 
_struct_conn.pdbx_ptnr2_label_alt_id 
_struct_conn.pdbx_ptnr2_PDB_ins_code 
_struct_conn.ptnr1_auth_asym_id 
_struct_conn.ptnr1_auth_comp_id 
_struct_conn.ptnr1_auth_seq_id 
_struct_conn.ptnr2_auth_asym_id 
_struct_conn.ptnr2_auth_comp_id 
_struct_conn.ptnr2_auth_seq_id 
_struct_conn.ptnr2_symmetry 
_struct_conn.pdbx_ptnr3_label_atom_id 
_struct_conn.pdbx_ptnr3_label_seq_id 
_struct_conn.pdbx_ptnr3_label_comp_id 
_struct_conn.pdbx_ptnr3_label_asym_id 
_struct_conn.pdbx_ptnr3_label_alt_id 
_struct_conn.pdbx_ptnr3_PDB_ins_code 
_struct_conn.details 
_struct_conn.pdbx_dist_value 
_struct_conn.pdbx_value_order 
_struct_conn.pdbx_role 
hydrog1  hydrog ? ? A DC 1 N3 ? ? ? 1_555 B DG 8 N1 ? ? A DC 1 B DG 16 1_555 ? ? ? ? ? ? WATSON-CRICK ? ? ? 
hydrog2  hydrog ? ? A DC 1 N4 ? ? ? 1_555 B DG 8 O6 ? ? A DC 1 B DG 16 1_555 ? ? ? ? ? ? WATSON-CRICK ? ? ? 
hydrog3  hydrog ? ? A DC 1 O2 ? ? ? 1_555 B DG 8 N2 ? ? A DC 1 B DG 16 1_555 ? ? ? ? ? ? WATSON-CRICK ? ? ? 
hydrog4  hydrog ? ? A DC 2 N3 ? ? ? 1_555 B DG 7 N1 ? ? A DC 2 B DG 15 1_555 ? ? ? ? ? ? WATSON-CRICK ? ? ? 
hydrog5  hydrog ? ? A DC 2 N4 ? ? ? 1_555 B DG 7 O6 ? ? A DC 2 B DG 15 1_555 ? ? ? ? ? ? WATSON-CRICK ? ? ? 
hydrog6  hydrog ? ? A DC 2 O2 ? ? ? 1_555 B DG 7 N2 ? ? A DC 2 B DG 15 1_555 ? ? ? ? ? ? WATSON-CRICK ? ? ? 
hydrog7  hydrog ? ? A DC 3 N3 ? ? ? 1_555 B DG 6 N1 ? ? A DC 3 B DG 14 1_555 ? ? ? ? ? ? WATSON-CRICK ? ? ? 
hydrog8  hydrog ? ? A DC 3 N4 ? ? ? 1_555 B DG 6 O6 ? ? A DC 3 B DG 14 1_555 ? ? ? ? ? ? WATSON-CRICK ? ? ? 
hydrog9  hydrog ? ? A DC 3 O2 ? ? ? 1_555 B DG 6 N2 ? ? A DC 3 B DG 14 1_555 ? ? ? ? ? ? WATSON-CRICK ? ? ? 
hydrog10 hydrog ? ? A DG 4 N1 ? ? ? 1_555 B DC 5 N3 ? ? A DG 4 B DC 13 1_555 ? ? ? ? ? ? WATSON-CRICK ? ? ? 
hydrog11 hydrog ? ? A DG 4 N2 ? ? ? 1_555 B DC 5 O2 ? ? A DG 4 B DC 13 1_555 ? ? ? ? ? ? WATSON-CRICK ? ? ? 
hydrog12 hydrog ? ? A DG 4 O6 ? ? ? 1_555 B DC 5 N4 ? ? A DG 4 B DC 13 1_555 ? ? ? ? ? ? WATSON-CRICK ? ? ? 
hydrog13 hydrog ? ? A DC 5 N3 ? ? ? 1_555 B DG 4 N1 ? ? A DC 5 B DG 12 1_555 ? ? ? ? ? ? WATSON-CRICK ? ? ? 
hydrog14 hydrog ? ? A DC 5 N4 ? ? ? 1_555 B DG 4 O6 ? ? A DC 5 B DG 12 1_555 ? ? ? ? ? ? WATSON-CRICK ? ? ? 
hydrog15 hydrog ? ? A DC 5 O2 ? ? ? 1_555 B DG 4 N2 ? ? A DC 5 B DG 12 1_555 ? ? ? ? ? ? WATSON-CRICK ? ? ? 
hydrog16 hydrog ? ? A DG 6 N1 ? ? ? 1_555 B DC 3 N3 ? ? A DG 6 B DC 11 1_555 ? ? ? ? ? ? WATSON-CRICK ? ? ? 
hydrog17 hydrog ? ? A DG 6 N2 ? ? ? 1_555 B DC 3 O2 ? ? A DG 6 B DC 11 1_555 ? ? ? ? ? ? WATSON-CRICK ? ? ? 
hydrog18 hydrog ? ? A DG 6 O6 ? ? ? 1_555 B DC 3 N4 ? ? A DG 6 B DC 11 1_555 ? ? ? ? ? ? WATSON-CRICK ? ? ? 
hydrog19 hydrog ? ? A DG 7 N1 ? ? ? 1_555 B DC 2 N3 ? ? A DG 7 B DC 10 1_555 ? ? ? ? ? ? WATSON-CRICK ? ? ? 
hydrog20 hydrog ? ? A DG 7 N2 ? ? ? 1_555 B DC 2 O2 ? ? A DG 7 B DC 10 1_555 ? ? ? ? ? ? WATSON-CRICK ? ? ? 
hydrog21 hydrog ? ? A DG 7 O6 ? ? ? 1_555 B DC 2 N4 ? ? A DG 7 B DC 10 1_555 ? ? ? ? ? ? WATSON-CRICK ? ? ? 
hydrog22 hydrog ? ? A DG 8 N1 ? ? ? 1_555 B DC 1 N3 ? ? A DG 8 B DC 9  1_555 ? ? ? ? ? ? WATSON-CRICK ? ? ? 
hydrog23 hydrog ? ? A DG 8 N2 ? ? ? 1_555 B DC 1 O2 ? ? A DG 8 B DC 9  1_555 ? ? ? ? ? ? WATSON-CRICK ? ? ? 
hydrog24 hydrog ? ? A DG 8 O6 ? ? ? 1_555 B DC 1 N4 ? ? A DG 8 B DC 9  1_555 ? ? ? ? ? ? WATSON-CRICK ? ? ? 
# 
_struct_conn_type.id          hydrog 
_struct_conn_type.criteria    ? 
_struct_conn_type.reference   ? 
# 
loop_
_chem_comp_atom.comp_id 
_chem_comp_atom.atom_id 
_chem_comp_atom.type_symbol 
_chem_comp_atom.pdbx_aromatic_flag 
_chem_comp_atom.pdbx_stereo_config 
_chem_comp_atom.pdbx_ordinal 
DC  OP3    O N N 1  
DC  P      P N N 2  
DC  OP1    O N N 3  
DC  OP2    O N N 4  
DC  "O5'"  O N N 5  
DC  "C5'"  C N N 6  
DC  "C4'"  C N R 7  
DC  "O4'"  O N N 8  
DC  "C3'"  C N S 9  
DC  "O3'"  O N N 10 
DC  "C2'"  C N N 11 
DC  "C1'"  C N R 12 
DC  N1     N N N 13 
DC  C2     C N N 14 
DC  O2     O N N 15 
DC  N3     N N N 16 
DC  C4     C N N 17 
DC  N4     N N N 18 
DC  C5     C N N 19 
DC  C6     C N N 20 
DC  HOP3   H N N 21 
DC  HOP2   H N N 22 
DC  "H5'"  H N N 23 
DC  "H5''" H N N 24 
DC  "H4'"  H N N 25 
DC  "H3'"  H N N 26 
DC  "HO3'" H N N 27 
DC  "H2'"  H N N 28 
DC  "H2''" H N N 29 
DC  "H1'"  H N N 30 
DC  H41    H N N 31 
DC  H42    H N N 32 
DC  H5     H N N 33 
DC  H6     H N N 34 
DG  OP3    O N N 35 
DG  P      P N N 36 
DG  OP1    O N N 37 
DG  OP2    O N N 38 
DG  "O5'"  O N N 39 
DG  "C5'"  C N N 40 
DG  "C4'"  C N R 41 
DG  "O4'"  O N N 42 
DG  "C3'"  C N S 43 
DG  "O3'"  O N N 44 
DG  "C2'"  C N N 45 
DG  "C1'"  C N R 46 
DG  N9     N Y N 47 
DG  C8     C Y N 48 
DG  N7     N Y N 49 
DG  C5     C Y N 50 
DG  C6     C N N 51 
DG  O6     O N N 52 
DG  N1     N N N 53 
DG  C2     C N N 54 
DG  N2     N N N 55 
DG  N3     N N N 56 
DG  C4     C Y N 57 
DG  HOP3   H N N 58 
DG  HOP2   H N N 59 
DG  "H5'"  H N N 60 
DG  "H5''" H N N 61 
DG  "H4'"  H N N 62 
DG  "H3'"  H N N 63 
DG  "HO3'" H N N 64 
DG  "H2'"  H N N 65 
DG  "H2''" H N N 66 
DG  "H1'"  H N N 67 
DG  H8     H N N 68 
DG  H1     H N N 69 
DG  H21    H N N 70 
DG  H22    H N N 71 
HOH O      O N N 72 
HOH H1     H N N 73 
HOH H2     H N N 74 
# 
loop_
_chem_comp_bond.comp_id 
_chem_comp_bond.atom_id_1 
_chem_comp_bond.atom_id_2 
_chem_comp_bond.value_order 
_chem_comp_bond.pdbx_aromatic_flag 
_chem_comp_bond.pdbx_stereo_config 
_chem_comp_bond.pdbx_ordinal 
DC  OP3   P      sing N N 1  
DC  OP3   HOP3   sing N N 2  
DC  P     OP1    doub N N 3  
DC  P     OP2    sing N N 4  
DC  P     "O5'"  sing N N 5  
DC  OP2   HOP2   sing N N 6  
DC  "O5'" "C5'"  sing N N 7  
DC  "C5'" "C4'"  sing N N 8  
DC  "C5'" "H5'"  sing N N 9  
DC  "C5'" "H5''" sing N N 10 
DC  "C4'" "O4'"  sing N N 11 
DC  "C4'" "C3'"  sing N N 12 
DC  "C4'" "H4'"  sing N N 13 
DC  "O4'" "C1'"  sing N N 14 
DC  "C3'" "O3'"  sing N N 15 
DC  "C3'" "C2'"  sing N N 16 
DC  "C3'" "H3'"  sing N N 17 
DC  "O3'" "HO3'" sing N N 18 
DC  "C2'" "C1'"  sing N N 19 
DC  "C2'" "H2'"  sing N N 20 
DC  "C2'" "H2''" sing N N 21 
DC  "C1'" N1     sing N N 22 
DC  "C1'" "H1'"  sing N N 23 
DC  N1    C2     sing N N 24 
DC  N1    C6     sing N N 25 
DC  C2    O2     doub N N 26 
DC  C2    N3     sing N N 27 
DC  N3    C4     doub N N 28 
DC  C4    N4     sing N N 29 
DC  C4    C5     sing N N 30 
DC  N4    H41    sing N N 31 
DC  N4    H42    sing N N 32 
DC  C5    C6     doub N N 33 
DC  C5    H5     sing N N 34 
DC  C6    H6     sing N N 35 
DG  OP3   P      sing N N 36 
DG  OP3   HOP3   sing N N 37 
DG  P     OP1    doub N N 38 
DG  P     OP2    sing N N 39 
DG  P     "O5'"  sing N N 40 
DG  OP2   HOP2   sing N N 41 
DG  "O5'" "C5'"  sing N N 42 
DG  "C5'" "C4'"  sing N N 43 
DG  "C5'" "H5'"  sing N N 44 
DG  "C5'" "H5''" sing N N 45 
DG  "C4'" "O4'"  sing N N 46 
DG  "C4'" "C3'"  sing N N 47 
DG  "C4'" "H4'"  sing N N 48 
DG  "O4'" "C1'"  sing N N 49 
DG  "C3'" "O3'"  sing N N 50 
DG  "C3'" "C2'"  sing N N 51 
DG  "C3'" "H3'"  sing N N 52 
DG  "O3'" "HO3'" sing N N 53 
DG  "C2'" "C1'"  sing N N 54 
DG  "C2'" "H2'"  sing N N 55 
DG  "C2'" "H2''" sing N N 56 
DG  "C1'" N9     sing N N 57 
DG  "C1'" "H1'"  sing N N 58 
DG  N9    C8     sing Y N 59 
DG  N9    C4     sing Y N 60 
DG  C8    N7     doub Y N 61 
DG  C8    H8     sing N N 62 
DG  N7    C5     sing Y N 63 
DG  C5    C6     sing N N 64 
DG  C5    C4     doub Y N 65 
DG  C6    O6     doub N N 66 
DG  C6    N1     sing N N 67 
DG  N1    C2     sing N N 68 
DG  N1    H1     sing N N 69 
DG  C2    N2     sing N N 70 
DG  C2    N3     doub N N 71 
DG  N2    H21    sing N N 72 
DG  N2    H22    sing N N 73 
DG  N3    C4     sing N N 74 
HOH O     H1     sing N N 75 
HOH O     H2     sing N N 76 
# 
_ndb_struct_conf_na.entry_id   368D 
_ndb_struct_conf_na.feature    'a-form double helix' 
# 
loop_
_ndb_struct_na_base_pair.model_number 
_ndb_struct_na_base_pair.i_label_asym_id 
_ndb_struct_na_base_pair.i_label_comp_id 
_ndb_struct_na_base_pair.i_label_seq_id 
_ndb_struct_na_base_pair.i_symmetry 
_ndb_struct_na_base_pair.j_label_asym_id 
_ndb_struct_na_base_pair.j_label_comp_id 
_ndb_struct_na_base_pair.j_label_seq_id 
_ndb_struct_na_base_pair.j_symmetry 
_ndb_struct_na_base_pair.shear 
_ndb_struct_na_base_pair.stretch 
_ndb_struct_na_base_pair.stagger 
_ndb_struct_na_base_pair.buckle 
_ndb_struct_na_base_pair.propeller 
_ndb_struct_na_base_pair.opening 
_ndb_struct_na_base_pair.pair_number 
_ndb_struct_na_base_pair.pair_name 
_ndb_struct_na_base_pair.i_auth_asym_id 
_ndb_struct_na_base_pair.i_auth_seq_id 
_ndb_struct_na_base_pair.i_PDB_ins_code 
_ndb_struct_na_base_pair.j_auth_asym_id 
_ndb_struct_na_base_pair.j_auth_seq_id 
_ndb_struct_na_base_pair.j_PDB_ins_code 
_ndb_struct_na_base_pair.hbond_type_28 
_ndb_struct_na_base_pair.hbond_type_12 
1 A DC 1 1_555 B DG 8 1_555 0.254  -0.061 -0.259 17.252  -15.231 0.677  1 A_DC1:DG16_B A 1 ? B 16 ? 19 1 
1 A DC 2 1_555 B DG 7 1_555 0.231  -0.157 -0.335 16.323  -20.817 2.973  2 A_DC2:DG15_B A 2 ? B 15 ? 19 1 
1 A DC 3 1_555 B DG 6 1_555 0.355  -0.130 0.263  0.966   -9.082  2.077  3 A_DC3:DG14_B A 3 ? B 14 ? 19 1 
1 A DG 4 1_555 B DC 5 1_555 -0.337 -0.225 0.078  2.703   -16.355 0.348  4 A_DG4:DC13_B A 4 ? B 13 ? 19 1 
1 A DC 5 1_555 B DG 4 1_555 0.169  -0.222 0.042  1.026   -20.084 1.253  5 A_DC5:DG12_B A 5 ? B 12 ? 19 1 
1 A DG 6 1_555 B DC 3 1_555 -0.190 -0.173 -0.179 -12.040 -18.830 -1.096 6 A_DG6:DC11_B A 6 ? B 11 ? 19 1 
1 A DG 7 1_555 B DC 2 1_555 -0.186 -0.157 0.051  -13.038 -20.988 2.019  7 A_DG7:DC10_B A 7 ? B 10 ? 19 1 
1 A DG 8 1_555 B DC 1 1_555 -0.272 -0.172 0.121  -17.332 -20.999 -1.190 8 A_DG8:DC9_B  A 8 ? B 9  ? 19 1 
# 
loop_
_ndb_struct_na_base_pair_step.model_number 
_ndb_struct_na_base_pair_step.i_label_asym_id_1 
_ndb_struct_na_base_pair_step.i_label_comp_id_1 
_ndb_struct_na_base_pair_step.i_label_seq_id_1 
_ndb_struct_na_base_pair_step.i_symmetry_1 
_ndb_struct_na_base_pair_step.j_label_asym_id_1 
_ndb_struct_na_base_pair_step.j_label_comp_id_1 
_ndb_struct_na_base_pair_step.j_label_seq_id_1 
_ndb_struct_na_base_pair_step.j_symmetry_1 
_ndb_struct_na_base_pair_step.i_label_asym_id_2 
_ndb_struct_na_base_pair_step.i_label_comp_id_2 
_ndb_struct_na_base_pair_step.i_label_seq_id_2 
_ndb_struct_na_base_pair_step.i_symmetry_2 
_ndb_struct_na_base_pair_step.j_label_asym_id_2 
_ndb_struct_na_base_pair_step.j_label_comp_id_2 
_ndb_struct_na_base_pair_step.j_label_seq_id_2 
_ndb_struct_na_base_pair_step.j_symmetry_2 
_ndb_struct_na_base_pair_step.shift 
_ndb_struct_na_base_pair_step.slide 
_ndb_struct_na_base_pair_step.rise 
_ndb_struct_na_base_pair_step.tilt 
_ndb_struct_na_base_pair_step.roll 
_ndb_struct_na_base_pair_step.twist 
_ndb_struct_na_base_pair_step.x_displacement 
_ndb_struct_na_base_pair_step.y_displacement 
_ndb_struct_na_base_pair_step.helical_rise 
_ndb_struct_na_base_pair_step.inclination 
_ndb_struct_na_base_pair_step.tip 
_ndb_struct_na_base_pair_step.helical_twist 
_ndb_struct_na_base_pair_step.step_number 
_ndb_struct_na_base_pair_step.step_name 
_ndb_struct_na_base_pair_step.i_auth_asym_id_1 
_ndb_struct_na_base_pair_step.i_auth_seq_id_1 
_ndb_struct_na_base_pair_step.i_PDB_ins_code_1 
_ndb_struct_na_base_pair_step.j_auth_asym_id_1 
_ndb_struct_na_base_pair_step.j_auth_seq_id_1 
_ndb_struct_na_base_pair_step.j_PDB_ins_code_1 
_ndb_struct_na_base_pair_step.i_auth_asym_id_2 
_ndb_struct_na_base_pair_step.i_auth_seq_id_2 
_ndb_struct_na_base_pair_step.i_PDB_ins_code_2 
_ndb_struct_na_base_pair_step.j_auth_asym_id_2 
_ndb_struct_na_base_pair_step.j_auth_seq_id_2 
_ndb_struct_na_base_pair_step.j_PDB_ins_code_2 
1 A DC 1 1_555 B DG 8 1_555 A DC 2 1_555 B DG 7 1_555 -0.668 -1.752 3.400 -2.703 9.993  31.189 -4.761 0.734  2.769 17.975 4.863  
32.822 1 AA_DC1DC2:DG15DG16_BB A 1 ? B 16 ? A 2 ? B 15 ? 
1 A DC 2 1_555 B DG 7 1_555 A DC 3 1_555 B DG 6 1_555 -0.537 -1.872 3.613 -5.923 11.663 32.486 -4.924 -0.024 2.846 19.872 10.093 
34.955 2 AA_DC2DC3:DG14DG15_BB A 2 ? B 15 ? A 3 ? B 14 ? 
1 A DC 3 1_555 B DG 6 1_555 A DG 4 1_555 B DC 5 1_555 -0.753 -1.596 3.006 0.554  12.155 26.362 -5.373 1.604  2.067 25.026 -1.140 
28.989 3 AA_DC3DG4:DC13DG14_BB A 3 ? B 14 ? A 4 ? B 13 ? 
1 A DG 4 1_555 B DC 5 1_555 A DC 5 1_555 B DG 4 1_555 -0.070 -0.902 3.248 -1.659 6.435  40.069 -1.997 -0.078 3.074 9.314  2.401  
40.594 4 AA_DG4DC5:DG12DC13_BB A 4 ? B 13 ? A 5 ? B 12 ? 
1 A DC 5 1_555 B DG 4 1_555 A DG 6 1_555 B DC 3 1_555 -0.348 -1.351 3.382 1.765  19.192 33.168 -4.314 0.739  2.273 30.618 -2.816 
38.225 5 AA_DC5DG6:DC11DG12_BB A 5 ? B 12 ? A 6 ? B 11 ? 
1 A DG 6 1_555 B DC 3 1_555 A DG 7 1_555 B DC 2 1_555 0.806  -1.024 3.306 1.585  7.673  30.358 -3.314 -1.199 3.001 14.353 -2.964 
31.329 6 AA_DG6DG7:DC10DC11_BB A 6 ? B 11 ? A 7 ? B 10 ? 
1 A DG 7 1_555 B DC 2 1_555 A DG 8 1_555 B DC 1 1_555 -0.342 -0.930 3.372 0.032  6.707  39.394 -2.140 0.505  3.178 9.862  -0.047 
39.938 7 AA_DG7DG8:DC9DC10_BB  A 7 ? B 10 ? A 8 ? B 9  ? 
# 
_atom_sites.entry_id                    368D 
_atom_sites.fract_transf_matrix[1][1]   0.02295731 
_atom_sites.fract_transf_matrix[1][2]   0.02152881 
_atom_sites.fract_transf_matrix[1][3]   -0.03325677 
_atom_sites.fract_transf_matrix[2][1]   0.02381589 
_atom_sites.fract_transf_matrix[2][2]   -0.01283180 
_atom_sites.fract_transf_matrix[2][3]   0.00813354 
_atom_sites.fract_transf_matrix[3][1]   -0.00472553 
_atom_sites.fract_transf_matrix[3][2]   -0.01838022 
_atom_sites.fract_transf_matrix[3][3]   -0.01516051 
_atom_sites.fract_transf_vector[1]      0.130334 
_atom_sites.fract_transf_vector[2]      -0.037922 
_atom_sites.fract_transf_vector[3]      0.340534 
# 
loop_
_atom_type.symbol 
C 
N 
O 
P 
# 
loop_
_atom_site.group_PDB 
_atom_site.id 
_atom_site.type_symbol 
_atom_site.label_atom_id 
_atom_site.label_alt_id 
_atom_site.label_comp_id 
_atom_site.label_asym_id 
_atom_site.label_entity_id 
_atom_site.label_seq_id 
_atom_site.pdbx_PDB_ins_code 
_atom_site.Cartn_x 
_atom_site.Cartn_y 
_atom_site.Cartn_z 
_atom_site.occupancy 
_atom_site.B_iso_or_equiv 
_atom_site.pdbx_formal_charge 
_atom_site.auth_seq_id 
_atom_site.auth_comp_id 
_atom_site.auth_asym_id 
_atom_site.auth_atom_id 
_atom_site.pdbx_PDB_model_num 
ATOM   1   O OP3   . DC  A 1 1 ? 8.671   6.500   2.792   1.00 46.48 ? 1  DC  A OP3   1 
ATOM   2   P P     . DC  A 1 1 ? 8.635   5.779   4.260   1.00 46.69 ? 1  DC  A P     1 
ATOM   3   O OP1   . DC  A 1 1 ? 8.115   4.368   4.140   1.00 47.79 ? 1  DC  A OP1   1 
ATOM   4   O OP2   . DC  A 1 1 ? 9.939   6.033   4.938   1.00 46.81 ? 1  DC  A OP2   1 
ATOM   5   O "O5'" . DC  A 1 1 ? 7.485   6.587   5.009   1.00 41.57 ? 1  DC  A "O5'" 1 
ATOM   6   C "C5'" . DC  A 1 1 ? 7.712   7.204   6.290   1.00 30.89 ? 1  DC  A "C5'" 1 
ATOM   7   C "C4'" . DC  A 1 1 ? 6.669   8.270   6.544   1.00 22.96 ? 1  DC  A "C4'" 1 
ATOM   8   O "O4'" . DC  A 1 1 ? 6.775   9.312   5.554   1.00 19.92 ? 1  DC  A "O4'" 1 
ATOM   9   C "C3'" . DC  A 1 1 ? 5.232   7.781   6.450   1.00 19.27 ? 1  DC  A "C3'" 1 
ATOM   10  O "O3'" . DC  A 1 1 ? 4.811   7.213   7.700   1.00 17.14 ? 1  DC  A "O3'" 1 
ATOM   11  C "C2'" . DC  A 1 1 ? 4.494   9.067   6.131   1.00 15.44 ? 1  DC  A "C2'" 1 
ATOM   12  C "C1'" . DC  A 1 1 ? 5.470   9.769   5.193   1.00 17.27 ? 1  DC  A "C1'" 1 
ATOM   13  N N1    . DC  A 1 1 ? 5.265   9.492   3.739   1.00 16.55 ? 1  DC  A N1    1 
ATOM   14  C C2    . DC  A 1 1 ? 4.175   10.112  3.062   1.00 15.50 ? 1  DC  A C2    1 
ATOM   15  O O2    . DC  A 1 1 ? 3.415   10.850  3.690   1.00 13.36 ? 1  DC  A O2    1 
ATOM   16  N N3    . DC  A 1 1 ? 3.982   9.865   1.741   1.00 13.84 ? 1  DC  A N3    1 
ATOM   17  C C4    . DC  A 1 1 ? 4.798   9.034   1.091   1.00 14.15 ? 1  DC  A C4    1 
ATOM   18  N N4    . DC  A 1 1 ? 4.537   8.803   -0.198  1.00 13.61 ? 1  DC  A N4    1 
ATOM   19  C C5    . DC  A 1 1 ? 5.909   8.398   1.739   1.00 13.51 ? 1  DC  A C5    1 
ATOM   20  C C6    . DC  A 1 1 ? 6.101   8.655   3.051   1.00 15.42 ? 1  DC  A C6    1 
ATOM   21  P P     . DC  A 1 2 ? 3.989   5.831   7.715   1.00 16.73 ? 2  DC  A P     1 
ATOM   22  O OP1   . DC  A 1 2 ? 4.081   5.284   9.096   1.00 16.84 ? 2  DC  A OP1   1 
ATOM   23  O OP2   . DC  A 1 2 ? 4.380   4.991   6.558   1.00 15.88 ? 2  DC  A OP2   1 
ATOM   24  O "O5'" . DC  A 1 2 ? 2.484   6.275   7.517   1.00 16.49 ? 2  DC  A "O5'" 1 
ATOM   25  C "C5'" . DC  A 1 2 ? 1.862   7.149   8.459   1.00 15.50 ? 2  DC  A "C5'" 1 
ATOM   26  C "C4'" . DC  A 1 2 ? 0.621   7.765   7.854   1.00 14.77 ? 2  DC  A "C4'" 1 
ATOM   27  O "O4'" . DC  A 1 2 ? 0.940   8.588   6.717   1.00 14.50 ? 2  DC  A "O4'" 1 
ATOM   28  C "C3'" . DC  A 1 2 ? -0.383  6.756   7.336   1.00 14.00 ? 2  DC  A "C3'" 1 
ATOM   29  O "O3'" . DC  A 1 2 ? -1.175  6.296   8.426   1.00 16.08 ? 2  DC  A "O3'" 1 
ATOM   30  C "C2'" . DC  A 1 2 ? -1.193  7.606   6.381   1.00 13.16 ? 2  DC  A "C2'" 1 
ATOM   31  C "C1'" . DC  A 1 2 ? -0.118  8.486   5.755   1.00 13.69 ? 2  DC  A "C1'" 1 
ATOM   32  N N1    . DC  A 1 2 ? 0.443   7.949   4.501   1.00 13.60 ? 2  DC  A N1    1 
ATOM   33  C C2    . DC  A 1 2 ? -0.264  8.187   3.305   1.00 13.60 ? 2  DC  A C2    1 
ATOM   34  O O2    . DC  A 1 2 ? -1.373  8.750   3.362   1.00 12.64 ? 2  DC  A O2    1 
ATOM   35  N N3    . DC  A 1 2 ? 0.269   7.786   2.123   1.00 12.39 ? 2  DC  A N3    1 
ATOM   36  C C4    . DC  A 1 2 ? 1.441   7.150   2.099   1.00 11.86 ? 2  DC  A C4    1 
ATOM   37  N N4    . DC  A 1 2 ? 1.932   6.803   0.892   1.00 11.18 ? 2  DC  A N4    1 
ATOM   38  C C5    . DC  A 1 2 ? 2.161   6.848   3.306   1.00 11.45 ? 2  DC  A C5    1 
ATOM   39  C C6    . DC  A 1 2 ? 1.627   7.260   4.474   1.00 11.94 ? 2  DC  A C6    1 
ATOM   40  P P     . DC  A 1 3 ? -1.694  4.783   8.441   1.00 17.04 ? 3  DC  A P     1 
ATOM   41  O OP1   . DC  A 1 3 ? -2.361  4.594   9.739   1.00 16.03 ? 3  DC  A OP1   1 
ATOM   42  O OP2   . DC  A 1 3 ? -0.581  3.911   8.045   1.00 16.76 ? 3  DC  A OP2   1 
ATOM   43  O "O5'" . DC  A 1 3 ? -2.791  4.746   7.283   1.00 15.47 ? 3  DC  A "O5'" 1 
ATOM   44  C "C5'" . DC  A 1 3 ? -4.037  5.452   7.461   1.00 14.70 ? 3  DC  A "C5'" 1 
ATOM   45  C "C4'" . DC  A 1 3 ? -4.889  5.337   6.221   1.00 14.20 ? 3  DC  A "C4'" 1 
ATOM   46  O "O4'" . DC  A 1 3 ? -4.298  6.028   5.108   1.00 13.94 ? 3  DC  A "O4'" 1 
ATOM   47  C "C3'" . DC  A 1 3 ? -5.043  3.911   5.750   1.00 13.80 ? 3  DC  A "C3'" 1 
ATOM   48  O "O3'" . DC  A 1 3 ? -6.032  3.247   6.532   1.00 16.31 ? 3  DC  A "O3'" 1 
ATOM   49  C "C2'" . DC  A 1 3 ? -5.474  4.126   4.313   1.00 13.57 ? 3  DC  A "C2'" 1 
ATOM   50  C "C1'" . DC  A 1 3 ? -4.642  5.340   3.904   1.00 11.26 ? 3  DC  A "C1'" 1 
ATOM   51  N N1    . DC  A 1 3 ? -3.398  5.011   3.180   1.00 11.10 ? 3  DC  A N1    1 
ATOM   52  C C2    . DC  A 1 3 ? -3.486  4.752   1.803   1.00 13.22 ? 3  DC  A C2    1 
ATOM   53  O O2    . DC  A 1 3 ? -4.593  4.767   1.263   1.00 11.37 ? 3  DC  A O2    1 
ATOM   54  N N3    . DC  A 1 3 ? -2.357  4.475   1.102   1.00 11.63 ? 3  DC  A N3    1 
ATOM   55  C C4    . DC  A 1 3 ? -1.180  4.437   1.726   1.00 10.62 ? 3  DC  A C4    1 
ATOM   56  N N4    . DC  A 1 3 ? -0.095  4.177   0.982   1.00 11.29 ? 3  DC  A N4    1 
ATOM   57  C C5    . DC  A 1 3 ? -1.065  4.668   3.135   1.00 11.06 ? 3  DC  A C5    1 
ATOM   58  C C6    . DC  A 1 3 ? -2.187  4.954   3.814   1.00 10.92 ? 3  DC  A C6    1 
ATOM   59  P P     . DG  A 1 4 ? -6.185  1.654   6.423   1.00 18.94 ? 4  DG  A P     1 
ATOM   60  O OP1   . DG  A 1 4 ? -6.981  1.199   7.571   1.00 21.97 ? 4  DG  A OP1   1 
ATOM   61  O OP2   . DG  A 1 4 ? -4.858  1.034   6.151   1.00 18.01 ? 4  DG  A OP2   1 
ATOM   62  O "O5'" . DG  A 1 4 ? -7.091  1.494   5.139   1.00 18.73 ? 4  DG  A "O5'" 1 
ATOM   63  C "C5'" . DG  A 1 4 ? -7.276  0.253   4.507   1.00 15.14 ? 4  DG  A "C5'" 1 
ATOM   64  C "C4'" . DG  A 1 4 ? -7.946  0.494   3.178   1.00 15.61 ? 4  DG  A "C4'" 1 
ATOM   65  O "O4'" . DG  A 1 4 ? -7.255  1.575   2.523   1.00 13.43 ? 4  DG  A "O4'" 1 
ATOM   66  C "C3'" . DG  A 1 4 ? -7.814  -0.698  2.248   1.00 15.74 ? 4  DG  A "C3'" 1 
ATOM   67  O "O3'" . DG  A 1 4 ? -8.930  -1.570  2.433   1.00 15.99 ? 4  DG  A "O3'" 1 
ATOM   68  C "C2'" . DG  A 1 4 ? -7.793  -0.045  0.879   1.00 13.45 ? 4  DG  A "C2'" 1 
ATOM   69  C "C1'" . DG  A 1 4 ? -6.998  1.227   1.166   1.00 13.17 ? 4  DG  A "C1'" 1 
ATOM   70  N N9    . DG  A 1 4 ? -5.548  1.132   1.003   1.00 12.57 ? 4  DG  A N9    1 
ATOM   71  C C8    . DG  A 1 4 ? -4.597  1.290   1.988   1.00 13.84 ? 4  DG  A C8    1 
ATOM   72  N N7    . DG  A 1 4 ? -3.372  1.259   1.531   1.00 13.36 ? 4  DG  A N7    1 
ATOM   73  C C5    . DG  A 1 4 ? -3.523  1.039   0.166   1.00 12.37 ? 4  DG  A C5    1 
ATOM   74  C C6    . DG  A 1 4 ? -2.539  0.948   -0.877  1.00 12.36 ? 4  DG  A C6    1 
ATOM   75  O O6    . DG  A 1 4 ? -1.294  1.080   -0.795  1.00 12.33 ? 4  DG  A O6    1 
ATOM   76  N N1    . DG  A 1 4 ? -3.124  0.717   -2.113  1.00 11.74 ? 4  DG  A N1    1 
ATOM   77  C C2    . DG  A 1 4 ? -4.472  0.613   -2.341  1.00 11.13 ? 4  DG  A C2    1 
ATOM   78  N N2    . DG  A 1 4 ? -4.846  0.369   -3.616  1.00 11.42 ? 4  DG  A N2    1 
ATOM   79  N N3    . DG  A 1 4 ? -5.398  0.733   -1.392  1.00 13.35 ? 4  DG  A N3    1 
ATOM   80  C C4    . DG  A 1 4 ? -4.856  0.937   -0.170  1.00 11.79 ? 4  DG  A C4    1 
ATOM   81  P P     . DC  A 1 5 ? -8.671  -3.122  2.746   1.00 17.40 ? 5  DC  A P     1 
ATOM   82  O OP1   . DC  A 1 5 ? -9.981  -3.718  3.134   1.00 19.46 ? 5  DC  A OP1   1 
ATOM   83  O OP2   . DC  A 1 5 ? -7.509  -3.264  3.642   1.00 17.01 ? 5  DC  A OP2   1 
ATOM   84  O "O5'" . DC  A 1 5 ? -8.317  -3.728  1.326   1.00 15.69 ? 5  DC  A "O5'" 1 
ATOM   85  C "C5'" . DC  A 1 5 ? -9.286  -3.699  0.278   1.00 12.59 ? 5  DC  A "C5'" 1 
ATOM   86  C "C4'" . DC  A 1 5 ? -8.609  -3.891  -1.059  1.00 13.90 ? 5  DC  A "C4'" 1 
ATOM   87  O "O4'" . DC  A 1 5 ? -7.777  -2.762  -1.382  1.00 12.65 ? 5  DC  A "O4'" 1 
ATOM   88  C "C3'" . DC  A 1 5 ? -7.674  -5.079  -1.101  1.00 12.40 ? 5  DC  A "C3'" 1 
ATOM   89  O "O3'" . DC  A 1 5 ? -8.364  -6.292  -1.339  1.00 14.57 ? 5  DC  A "O3'" 1 
ATOM   90  C "C2'" . DC  A 1 5 ? -6.815  -4.725  -2.293  1.00 11.07 ? 5  DC  A "C2'" 1 
ATOM   91  C "C1'" . DC  A 1 5 ? -6.634  -3.226  -2.101  1.00 12.22 ? 5  DC  A "C1'" 1 
ATOM   92  N N1    . DC  A 1 5 ? -5.428  -2.916  -1.319  1.00 11.42 ? 5  DC  A N1    1 
ATOM   93  C C2    . DC  A 1 5 ? -4.210  -2.871  -1.996  1.00 9.70  ? 5  DC  A C2    1 
ATOM   94  O O2    . DC  A 1 5 ? -4.194  -3.141  -3.203  1.00 11.31 ? 5  DC  A O2    1 
ATOM   95  N N3    . DC  A 1 5 ? -3.092  -2.558  -1.322  1.00 9.39  ? 5  DC  A N3    1 
ATOM   96  C C4    . DC  A 1 5 ? -3.148  -2.332  -0.006  1.00 9.89  ? 5  DC  A C4    1 
ATOM   97  N N4    . DC  A 1 5 ? -2.004  -2.042  0.627   1.00 10.36 ? 5  DC  A N4    1 
ATOM   98  C C5    . DC  A 1 5 ? -4.376  -2.392  0.721   1.00 9.92  ? 5  DC  A C5    1 
ATOM   99  C C6    . DC  A 1 5 ? -5.481  -2.680  0.028   1.00 9.92  ? 5  DC  A C6    1 
ATOM   100 P P     . DG  A 1 6 ? -7.728  -7.662  -0.806  1.00 14.01 ? 6  DG  A P     1 
ATOM   101 O OP1   . DG  A 1 6 ? -8.752  -8.702  -1.061  1.00 16.27 ? 6  DG  A OP1   1 
ATOM   102 O OP2   . DG  A 1 6 ? -7.211  -7.466  0.571   1.00 16.06 ? 6  DG  A OP2   1 
ATOM   103 O "O5'" . DG  A 1 6 ? -6.491  -7.890  -1.768  1.00 12.82 ? 6  DG  A "O5'" 1 
ATOM   104 C "C5'" . DG  A 1 6 ? -6.679  -8.300  -3.120  1.00 12.55 ? 6  DG  A "C5'" 1 
ATOM   105 C "C4'" . DG  A 1 6 ? -5.339  -8.564  -3.761  1.00 15.03 ? 6  DG  A "C4'" 1 
ATOM   106 O "O4'" . DG  A 1 6 ? -4.594  -7.345  -3.923  1.00 14.20 ? 6  DG  A "O4'" 1 
ATOM   107 C "C3'" . DG  A 1 6 ? -4.418  -9.476  -2.971  1.00 14.90 ? 6  DG  A "C3'" 1 
ATOM   108 O "O3'" . DG  A 1 6 ? -4.759  -10.854 -3.168  1.00 15.66 ? 6  DG  A "O3'" 1 
ATOM   109 C "C2'" . DG  A 1 6 ? -3.075  -9.134  -3.586  1.00 12.95 ? 6  DG  A "C2'" 1 
ATOM   110 C "C1'" . DG  A 1 6 ? -3.202  -7.623  -3.751  1.00 13.23 ? 6  DG  A "C1'" 1 
ATOM   111 N N9    . DG  A 1 6 ? -2.737  -6.884  -2.584  1.00 11.16 ? 6  DG  A N9    1 
ATOM   112 C C8    . DG  A 1 6 ? -3.476  -6.450  -1.504  1.00 11.82 ? 6  DG  A C8    1 
ATOM   113 N N7    . DG  A 1 6 ? -2.760  -5.808  -0.621  1.00 10.63 ? 6  DG  A N7    1 
ATOM   114 C C5    . DG  A 1 6 ? -1.476  -5.829  -1.148  1.00 10.57 ? 6  DG  A C5    1 
ATOM   115 C C6    . DG  A 1 6 ? -0.276  -5.295  -0.648  1.00 8.89  ? 6  DG  A C6    1 
ATOM   116 O O6    . DG  A 1 6 ? -0.093  -4.675  0.406   1.00 10.23 ? 6  DG  A O6    1 
ATOM   117 N N1    . DG  A 1 6 ? 0.798   -5.543  -1.513  1.00 10.17 ? 6  DG  A N1    1 
ATOM   118 C C2    . DG  A 1 6 ? 0.713   -6.226  -2.703  1.00 8.57  ? 6  DG  A C2    1 
ATOM   119 N N2    . DG  A 1 6 ? 1.853   -6.396  -3.395  1.00 8.91  ? 6  DG  A N2    1 
ATOM   120 N N3    . DG  A 1 6 ? -0.414  -6.715  -3.184  1.00 8.93  ? 6  DG  A N3    1 
ATOM   121 C C4    . DG  A 1 6 ? -1.455  -6.486  -2.362  1.00 10.32 ? 6  DG  A C4    1 
ATOM   122 P P     . DG  A 1 7 ? -4.259  -11.952 -2.105  1.00 17.29 ? 7  DG  A P     1 
ATOM   123 O OP1   . DG  A 1 7 ? -5.072  -13.184 -2.314  1.00 19.24 ? 7  DG  A OP1   1 
ATOM   124 O OP2   . DG  A 1 7 ? -4.200  -11.328 -0.763  1.00 15.76 ? 7  DG  A OP2   1 
ATOM   125 O "O5'" . DG  A 1 7 ? -2.800  -12.281 -2.673  1.00 19.33 ? 7  DG  A "O5'" 1 
ATOM   126 C "C5'" . DG  A 1 7 ? -1.687  -12.591 -1.830  1.00 18.30 ? 7  DG  A "C5'" 1 
ATOM   127 C "C4'" . DG  A 1 7 ? -0.415  -12.078 -2.469  1.00 16.24 ? 7  DG  A "C4'" 1 
ATOM   128 O "O4'" . DG  A 1 7 ? -0.504  -10.647 -2.576  1.00 15.93 ? 7  DG  A "O4'" 1 
ATOM   129 C "C3'" . DG  A 1 7 ? 0.815   -12.349 -1.614  1.00 17.57 ? 7  DG  A "C3'" 1 
ATOM   130 O "O3'" . DG  A 1 7 ? 1.408   -13.554 -2.100  1.00 17.87 ? 7  DG  A "O3'" 1 
ATOM   131 C "C2'" . DG  A 1 7 ? 1.703   -11.167 -1.932  1.00 15.75 ? 7  DG  A "C2'" 1 
ATOM   132 C "C1'" . DG  A 1 7 ? 0.680   -10.050 -2.070  1.00 16.86 ? 7  DG  A "C1'" 1 
ATOM   133 N N9    . DG  A 1 7 ? 0.353   -9.382  -0.816  1.00 13.38 ? 7  DG  A N9    1 
ATOM   134 C C8    . DG  A 1 7 ? -0.859  -9.336  -0.169  1.00 12.73 ? 7  DG  A C8    1 
ATOM   135 N N7    . DG  A 1 7 ? -0.838  -8.581  0.897   1.00 12.64 ? 7  DG  A N7    1 
ATOM   136 C C5    . DG  A 1 7 ? 0.470   -8.122  0.966   1.00 12.53 ? 7  DG  A C5    1 
ATOM   137 C C6    . DG  A 1 7 ? 1.108   -7.256  1.901   1.00 12.13 ? 7  DG  A C6    1 
ATOM   138 O O6    . DG  A 1 7 ? 0.632   -6.703  2.883   1.00 11.95 ? 7  DG  A O6    1 
ATOM   139 N N1    . DG  A 1 7 ? 2.446   -7.061  1.592   1.00 11.80 ? 7  DG  A N1    1 
ATOM   140 C C2    . DG  A 1 7 ? 3.094   -7.627  0.530   1.00 11.91 ? 7  DG  A C2    1 
ATOM   141 N N2    . DG  A 1 7 ? 4.393   -7.342  0.407   1.00 14.41 ? 7  DG  A N2    1 
ATOM   142 N N3    . DG  A 1 7 ? 2.516   -8.422  -0.352  1.00 12.36 ? 7  DG  A N3    1 
ATOM   143 C C4    . DG  A 1 7 ? 1.217   -8.627  -0.074  1.00 13.45 ? 7  DG  A C4    1 
ATOM   144 P P     . DG  A 1 8 ? 2.335   -14.428 -1.136  1.00 16.53 ? 8  DG  A P     1 
ATOM   145 O OP1   . DG  A 1 8 ? 2.793   -15.581 -1.930  1.00 17.97 ? 8  DG  A OP1   1 
ATOM   146 O OP2   . DG  A 1 8 ? 1.616   -14.629 0.144   1.00 17.63 ? 8  DG  A OP2   1 
ATOM   147 O "O5'" . DG  A 1 8 ? 3.545   -13.457 -0.821  1.00 17.23 ? 8  DG  A "O5'" 1 
ATOM   148 C "C5'" . DG  A 1 8 ? 4.445   -13.019 -1.852  1.00 16.64 ? 8  DG  A "C5'" 1 
ATOM   149 C "C4'" . DG  A 1 8 ? 5.627   -12.357 -1.192  1.00 16.23 ? 8  DG  A "C4'" 1 
ATOM   150 O "O4'" . DG  A 1 8 ? 5.107   -11.218 -0.486  1.00 13.72 ? 8  DG  A "O4'" 1 
ATOM   151 C "C3'" . DG  A 1 8 ? 6.160   -13.317 -0.128  1.00 16.09 ? 8  DG  A "C3'" 1 
ATOM   152 O "O3'" . DG  A 1 8 ? 7.518   -13.408 -0.535  1.00 19.18 ? 8  DG  A "O3'" 1 
ATOM   153 C "C2'" . DG  A 1 8 ? 6.323   -12.476 1.118   1.00 15.70 ? 8  DG  A "C2'" 1 
ATOM   154 C "C1'" . DG  A 1 8 ? 5.592   -11.179 0.844   1.00 14.20 ? 8  DG  A "C1'" 1 
ATOM   155 N N9    . DG  A 1 8 ? 4.485   -10.882 1.730   1.00 11.88 ? 8  DG  A N9    1 
ATOM   156 C C8    . DG  A 1 8 ? 3.215   -11.383 1.683   1.00 9.91  ? 8  DG  A C8    1 
ATOM   157 N N7    . DG  A 1 8 ? 2.439   -10.872 2.601   1.00 10.36 ? 8  DG  A N7    1 
ATOM   158 C C5    . DG  A 1 8 ? 3.257   -9.996  3.305   1.00 9.86  ? 8  DG  A C5    1 
ATOM   159 C C6    . DG  A 1 8 ? 2.973   -9.134  4.402   1.00 10.64 ? 8  DG  A C6    1 
ATOM   160 O O6    . DG  A 1 8 ? 1.911   -8.970  4.995   1.00 12.45 ? 8  DG  A O6    1 
ATOM   161 N N1    . DG  A 1 8 ? 4.093   -8.398  4.789   1.00 9.45  ? 8  DG  A N1    1 
ATOM   162 C C2    . DG  A 1 8 ? 5.330   -8.494  4.213   1.00 10.80 ? 8  DG  A C2    1 
ATOM   163 N N2    . DG  A 1 8 ? 6.295   -7.730  4.754   1.00 9.75  ? 8  DG  A N2    1 
ATOM   164 N N3    . DG  A 1 8 ? 5.608   -9.284  3.188   1.00 11.48 ? 8  DG  A N3    1 
ATOM   165 C C4    . DG  A 1 8 ? 4.526   -9.998  2.784   1.00 10.44 ? 8  DG  A C4    1 
ATOM   166 O OP3   . DC  B 1 1 ? 1.191   -0.771  10.046  1.00 25.64 ? 9  DC  B OP3   1 
ATOM   167 P P     . DC  B 1 1 ? 1.802   -0.192  8.686   1.00 26.48 ? 9  DC  B P     1 
ATOM   168 O OP1   . DC  B 1 1 ? 0.940   -0.666  7.566   1.00 26.42 ? 9  DC  B OP1   1 
ATOM   169 O OP2   . DC  B 1 1 ? 2.038   1.282   8.863   1.00 26.21 ? 9  DC  B OP2   1 
ATOM   170 O "O5'" . DC  B 1 1 ? 3.229   -0.896  8.501   1.00 24.43 ? 9  DC  B "O5'" 1 
ATOM   171 C "C5'" . DC  B 1 1 ? 4.385   -0.566  9.337   1.00 18.99 ? 9  DC  B "C5'" 1 
ATOM   172 C "C4'" . DC  B 1 1 ? 5.535   -1.497  9.025   1.00 14.64 ? 9  DC  B "C4'" 1 
ATOM   173 O "O4'" . DC  B 1 1 ? 5.154   -2.851  9.344   1.00 12.34 ? 9  DC  B "O4'" 1 
ATOM   174 C "C3'" . DC  B 1 1 ? 5.955   -1.521  7.557   1.00 12.98 ? 9  DC  B "C3'" 1 
ATOM   175 O "O3'" . DC  B 1 1 ? 7.016   -0.562  7.341   1.00 15.93 ? 9  DC  B "O3'" 1 
ATOM   176 C "C2'" . DC  B 1 1 ? 6.481   -2.932  7.391   1.00 10.81 ? 9  DC  B "C2'" 1 
ATOM   177 C "C1'" . DC  B 1 1 ? 5.610   -3.744  8.340   1.00 10.83 ? 9  DC  B "C1'" 1 
ATOM   178 N N1    . DC  B 1 1 ? 4.430   -4.388  7.738   1.00 11.77 ? 9  DC  B N1    1 
ATOM   179 C C2    . DC  B 1 1 ? 4.618   -5.556  7.020   1.00 12.68 ? 9  DC  B C2    1 
ATOM   180 O O2    . DC  B 1 1 ? 5.769   -5.977  6.867   1.00 12.90 ? 9  DC  B O2    1 
ATOM   181 N N3    . DC  B 1 1 ? 3.543   -6.197  6.500   1.00 13.70 ? 9  DC  B N3    1 
ATOM   182 C C4    . DC  B 1 1 ? 2.319   -5.687  6.666   1.00 12.38 ? 9  DC  B C4    1 
ATOM   183 N N4    . DC  B 1 1 ? 1.284   -6.351  6.155   1.00 11.99 ? 9  DC  B N4    1 
ATOM   184 C C5    . DC  B 1 1 ? 2.103   -4.477  7.370   1.00 11.20 ? 9  DC  B C5    1 
ATOM   185 C C6    . DC  B 1 1 ? 3.174   -3.867  7.890   1.00 11.95 ? 9  DC  B C6    1 
ATOM   186 P P     . DC  B 1 2 ? 6.994   0.389   6.038   1.00 18.25 ? 10 DC  B P     1 
ATOM   187 O OP1   . DC  B 1 2 ? 8.016   1.464   6.141   1.00 20.27 ? 10 DC  B OP1   1 
ATOM   188 O OP2   . DC  B 1 2 ? 5.589   0.758   5.812   1.00 19.71 ? 10 DC  B OP2   1 
ATOM   189 O "O5'" . DC  B 1 2 ? 7.415   -0.568  4.837   1.00 16.20 ? 10 DC  B "O5'" 1 
ATOM   190 C "C5'" . DC  B 1 2 ? 8.745   -1.053  4.740   1.00 14.00 ? 10 DC  B "C5'" 1 
ATOM   191 C "C4'" . DC  B 1 2 ? 8.795   -2.263  3.841   1.00 12.38 ? 10 DC  B "C4'" 1 
ATOM   192 O "O4'" . DC  B 1 2 ? 7.966   -3.310  4.362   1.00 11.69 ? 10 DC  B "O4'" 1 
ATOM   193 C "C3'" . DC  B 1 2 ? 8.284   -2.017  2.439   1.00 14.10 ? 10 DC  B "C3'" 1 
ATOM   194 O "O3'" . DC  B 1 2 ? 9.347   -1.530  1.634   1.00 17.73 ? 10 DC  B "O3'" 1 
ATOM   195 C "C2'" . DC  B 1 2 ? 7.926   -3.417  1.995   1.00 14.62 ? 10 DC  B "C2'" 1 
ATOM   196 C "C1'" . DC  B 1 2 ? 7.405   -4.048  3.279   1.00 12.86 ? 10 DC  B "C1'" 1 
ATOM   197 N N1    . DC  B 1 2 ? 5.944   -4.012  3.403   1.00 12.99 ? 10 DC  B N1    1 
ATOM   198 C C2    . DC  B 1 2 ? 5.221   -5.042  2.838   1.00 12.53 ? 10 DC  B C2    1 
ATOM   199 O O2    . DC  B 1 2 ? 5.820   -5.876  2.156   1.00 11.93 ? 10 DC  B O2    1 
ATOM   200 N N3    . DC  B 1 2 ? 3.882   -5.093  3.018   1.00 11.59 ? 10 DC  B N3    1 
ATOM   201 C C4    . DC  B 1 2 ? 3.263   -4.118  3.691   1.00 11.34 ? 10 DC  B C4    1 
ATOM   202 N N4    . DC  B 1 2 ? 1.943   -4.203  3.849   1.00 11.27 ? 10 DC  B N4    1 
ATOM   203 C C5    . DC  B 1 2 ? 3.978   -3.010  4.233   1.00 11.55 ? 10 DC  B C5    1 
ATOM   204 C C6    . DC  B 1 2 ? 5.306   -3.003  4.075   1.00 12.33 ? 10 DC  B C6    1 
ATOM   205 P P     . DC  B 1 3 ? 9.039   -0.425  0.513   1.00 19.86 ? 11 DC  B P     1 
ATOM   206 O OP1   . DC  B 1 3 ? 10.320  0.267   0.198   1.00 20.96 ? 11 DC  B OP1   1 
ATOM   207 O OP2   . DC  B 1 3 ? 7.836   0.356   0.918   1.00 18.37 ? 11 DC  B OP2   1 
ATOM   208 O "O5'" . DC  B 1 3 ? 8.621   -1.239  -0.768  1.00 17.38 ? 11 DC  B "O5'" 1 
ATOM   209 C "C5'" . DC  B 1 3 ? 9.522   -2.116  -1.406  1.00 15.63 ? 11 DC  B "C5'" 1 
ATOM   210 C "C4'" . DC  B 1 3 ? 8.737   -3.138  -2.192  1.00 14.83 ? 11 DC  B "C4'" 1 
ATOM   211 O "O4'" . DC  B 1 3 ? 7.933   -3.924  -1.302  1.00 13.60 ? 11 DC  B "O4'" 1 
ATOM   212 C "C3'" . DC  B 1 3 ? 7.745   -2.547  -3.168  1.00 16.04 ? 11 DC  B "C3'" 1 
ATOM   213 O "O3'" . DC  B 1 3 ? 8.386   -2.125  -4.366  1.00 17.68 ? 11 DC  B "O3'" 1 
ATOM   214 C "C2'" . DC  B 1 3 ? 6.854   -3.743  -3.418  1.00 14.12 ? 11 DC  B "C2'" 1 
ATOM   215 C "C1'" . DC  B 1 3 ? 6.776   -4.376  -2.024  1.00 14.24 ? 11 DC  B "C1'" 1 
ATOM   216 N N1    . DC  B 1 3 ? 5.570   -3.979  -1.276  1.00 12.53 ? 11 DC  B N1    1 
ATOM   217 C C2    . DC  B 1 3 ? 4.395   -4.712  -1.455  1.00 12.59 ? 11 DC  B C2    1 
ATOM   218 O O2    . DC  B 1 3 ? 4.383   -5.655  -2.258  1.00 12.56 ? 11 DC  B O2    1 
ATOM   219 N N3    . DC  B 1 3 ? 3.291   -4.367  -0.755  1.00 11.09 ? 11 DC  B N3    1 
ATOM   220 C C4    . DC  B 1 3 ? 3.334   -3.328  0.082   1.00 10.81 ? 11 DC  B C4    1 
ATOM   221 N N4    . DC  B 1 3 ? 2.238   -3.046  0.780   1.00 11.42 ? 11 DC  B N4    1 
ATOM   222 C C5    . DC  B 1 3 ? 4.504   -2.547  0.254   1.00 11.92 ? 11 DC  B C5    1 
ATOM   223 C C6    . DC  B 1 3 ? 5.593   -2.908  -0.430  1.00 12.09 ? 11 DC  B C6    1 
ATOM   224 P P     . DG  B 1 4 ? 7.777   -0.907  -5.189  1.00 16.38 ? 12 DG  B P     1 
ATOM   225 O OP1   . DG  B 1 4 ? 8.730   -0.615  -6.275  1.00 17.45 ? 12 DG  B OP1   1 
ATOM   226 O OP2   . DG  B 1 4 ? 7.391   0.148   -4.226  1.00 17.51 ? 12 DG  B OP2   1 
ATOM   227 O "O5'" . DG  B 1 4 ? 6.441   -1.512  -5.802  1.00 14.94 ? 12 DG  B "O5'" 1 
ATOM   228 C "C5'" . DG  B 1 4 ? 6.476   -2.552  -6.781  1.00 13.77 ? 12 DG  B "C5'" 1 
ATOM   229 C "C4'" . DG  B 1 4 ? 5.068   -3.010  -7.096  1.00 15.76 ? 12 DG  B "C4'" 1 
ATOM   230 O "O4'" . DG  B 1 4 ? 4.516   -3.675  -5.946  1.00 15.76 ? 12 DG  B "O4'" 1 
ATOM   231 C "C3'" . DG  B 1 4 ? 4.061   -1.922  -7.442  1.00 16.40 ? 12 DG  B "C3'" 1 
ATOM   232 O "O3'" . DG  B 1 4 ? 4.088   -1.630  -8.841  1.00 18.57 ? 12 DG  B "O3'" 1 
ATOM   233 C "C2'" . DG  B 1 4 ? 2.754   -2.614  -7.126  1.00 14.91 ? 12 DG  B "C2'" 1 
ATOM   234 C "C1'" . DG  B 1 4 ? 3.103   -3.470  -5.916  1.00 14.24 ? 12 DG  B "C1'" 1 
ATOM   235 N N9    . DG  B 1 4 ? 2.750   -2.836  -4.651  1.00 12.04 ? 12 DG  B N9    1 
ATOM   236 C C8    . DG  B 1 4 ? 3.533   -2.086  -3.790  1.00 11.41 ? 12 DG  B C8    1 
ATOM   237 N N7    . DG  B 1 4 ? 2.874   -1.665  -2.742  1.00 11.60 ? 12 DG  B N7    1 
ATOM   238 C C5    . DG  B 1 4 ? 1.592   -2.172  -2.924  1.00 11.30 ? 12 DG  B C5    1 
ATOM   239 C C6    . DG  B 1 4 ? 0.428   -2.066  -2.118  1.00 10.42 ? 12 DG  B C6    1 
ATOM   240 O O6    . DG  B 1 4 ? 0.292   -1.527  -1.030  1.00 11.97 ? 12 DG  B O6    1 
ATOM   241 N N1    . DG  B 1 4 ? -0.660  -2.692  -2.708  1.00 10.67 ? 12 DG  B N1    1 
ATOM   242 C C2    . DG  B 1 4 ? -0.640  -3.357  -3.909  1.00 10.29 ? 12 DG  B C2    1 
ATOM   243 N N2    . DG  B 1 4 ? -1.806  -3.849  -4.342  1.00 9.27  ? 12 DG  B N2    1 
ATOM   244 N N3    . DG  B 1 4 ? 0.441   -3.510  -4.639  1.00 10.81 ? 12 DG  B N3    1 
ATOM   245 C C4    . DG  B 1 4 ? 1.508   -2.886  -4.100  1.00 10.52 ? 12 DG  B C4    1 
ATOM   246 P P     . DC  B 1 5 ? 3.533   -0.212  -9.370  1.00 21.19 ? 13 DC  B P     1 
ATOM   247 O OP1   . DC  B 1 5 ? 3.834   -0.132  -10.829 1.00 23.22 ? 13 DC  B OP1   1 
ATOM   248 O OP2   . DC  B 1 5 ? 4.019   0.851   -8.446  1.00 21.39 ? 13 DC  B OP2   1 
ATOM   249 O "O5'" . DC  B 1 5 ? 1.943   -0.295  -9.229  1.00 20.18 ? 13 DC  B "O5'" 1 
ATOM   250 C "C5'" . DC  B 1 5 ? 1.174   -1.227  -10.023 1.00 19.11 ? 13 DC  B "C5'" 1 
ATOM   251 C "C4'" . DC  B 1 5 ? -0.279  -1.193  -9.612  1.00 16.33 ? 13 DC  B "C4'" 1 
ATOM   252 O "O4'" . DC  B 1 5 ? -0.444  -1.706  -8.274  1.00 16.43 ? 13 DC  B "O4'" 1 
ATOM   253 C "C3'" . DC  B 1 5 ? -0.883  0.210   -9.590  1.00 18.12 ? 13 DC  B "C3'" 1 
ATOM   254 O "O3'" . DC  B 1 5 ? -1.393  0.497   -10.909 1.00 20.70 ? 13 DC  B "O3'" 1 
ATOM   255 C "C2'" . DC  B 1 5 ? -2.024  0.037   -8.608  1.00 15.97 ? 13 DC  B "C2'" 1 
ATOM   256 C "C1'" . DC  B 1 5 ? -1.468  -0.967  -7.603  1.00 15.89 ? 13 DC  B "C1'" 1 
ATOM   257 N N1    . DC  B 1 5 ? -0.888  -0.337  -6.409  1.00 13.23 ? 13 DC  B N1    1 
ATOM   258 C C2    . DC  B 1 5 ? -1.716  -0.158  -5.304  1.00 11.80 ? 13 DC  B C2    1 
ATOM   259 O O2    . DC  B 1 5 ? -2.900  -0.491  -5.393  1.00 13.19 ? 13 DC  B O2    1 
ATOM   260 N N3    . DC  B 1 5 ? -1.217  0.374   -4.171  1.00 10.41 ? 13 DC  B N3    1 
ATOM   261 C C4    . DC  B 1 5 ? 0.057   0.741   -4.119  1.00 10.48 ? 13 DC  B C4    1 
ATOM   262 N N4    . DC  B 1 5 ? 0.504   1.214   -2.964  1.00 10.56 ? 13 DC  B N4    1 
ATOM   263 C C5    . DC  B 1 5 ? 0.926   0.617   -5.248  1.00 12.07 ? 13 DC  B C5    1 
ATOM   264 C C6    . DC  B 1 5 ? 0.416   0.067   -6.364  1.00 13.28 ? 13 DC  B C6    1 
ATOM   265 P P     . DG  B 1 6 ? -1.835  1.992   -11.311 1.00 21.85 ? 14 DG  B P     1 
ATOM   266 O OP1   . DG  B 1 6 ? -2.286  1.877   -12.741 1.00 22.79 ? 14 DG  B OP1   1 
ATOM   267 O OP2   . DG  B 1 6 ? -0.782  2.986   -10.946 1.00 19.71 ? 14 DG  B OP2   1 
ATOM   268 O "O5'" . DG  B 1 6 ? -3.064  2.310   -10.351 1.00 19.83 ? 14 DG  B "O5'" 1 
ATOM   269 C "C5'" . DG  B 1 6 ? -3.138  3.564   -9.675  1.00 16.23 ? 14 DG  B "C5'" 1 
ATOM   270 C "C4'" . DG  B 1 6 ? -4.297  3.560   -8.710  1.00 13.46 ? 14 DG  B "C4'" 1 
ATOM   271 O "O4'" . DG  B 1 6 ? -4.086  2.580   -7.680  1.00 12.87 ? 14 DG  B "O4'" 1 
ATOM   272 C "C3'" . DG  B 1 6 ? -4.384  4.874   -7.972  1.00 14.42 ? 14 DG  B "C3'" 1 
ATOM   273 O "O3'" . DG  B 1 6 ? -5.050  5.848   -8.756  1.00 14.24 ? 14 DG  B "O3'" 1 
ATOM   274 C "C2'" . DG  B 1 6 ? -5.150  4.468   -6.729  1.00 13.37 ? 14 DG  B "C2'" 1 
ATOM   275 C "C1'" . DG  B 1 6 ? -4.491  3.126   -6.420  1.00 12.88 ? 14 DG  B "C1'" 1 
ATOM   276 N N9    . DG  B 1 6 ? -3.303  3.301   -5.583  1.00 13.76 ? 14 DG  B N9    1 
ATOM   277 C C8    . DG  B 1 6 ? -1.971  3.258   -5.954  1.00 13.29 ? 14 DG  B C8    1 
ATOM   278 N N7    . DG  B 1 6 ? -1.154  3.500   -4.958  1.00 12.05 ? 14 DG  B N7    1 
ATOM   279 C C5    . DG  B 1 6 ? -1.989  3.704   -3.865  1.00 11.40 ? 14 DG  B C5    1 
ATOM   280 C C6    . DG  B 1 6 ? -1.681  3.994   -2.511  1.00 8.86  ? 14 DG  B C6    1 
ATOM   281 O O6    . DG  B 1 6 ? -0.578  4.133   -1.992  1.00 10.98 ? 14 DG  B O6    1 
ATOM   282 N N1    . DG  B 1 6 ? -2.832  4.121   -1.738  1.00 8.11  ? 14 DG  B N1    1 
ATOM   283 C C2    . DG  B 1 6 ? -4.127  4.005   -2.220  1.00 8.59  ? 14 DG  B C2    1 
ATOM   284 N N2    . DG  B 1 6 ? -5.127  4.195   -1.343  1.00 8.46  ? 14 DG  B N2    1 
ATOM   285 N N3    . DG  B 1 6 ? -4.422  3.732   -3.474  1.00 8.52  ? 14 DG  B N3    1 
ATOM   286 C C4    . DG  B 1 6 ? -3.318  3.588   -4.234  1.00 11.17 ? 14 DG  B C4    1 
ATOM   287 P P     . DG  B 1 7 ? -4.650  7.375   -8.592  1.00 14.72 ? 15 DG  B P     1 
ATOM   288 O OP1   . DG  B 1 7 ? -5.566  8.094   -9.506  1.00 17.24 ? 15 DG  B OP1   1 
ATOM   289 O OP2   . DG  B 1 7 ? -3.189  7.529   -8.766  1.00 16.74 ? 15 DG  B OP2   1 
ATOM   290 O "O5'" . DG  B 1 7 ? -5.030  7.700   -7.088  1.00 13.60 ? 15 DG  B "O5'" 1 
ATOM   291 C "C5'" . DG  B 1 7 ? -6.381  7.584   -6.665  1.00 13.14 ? 15 DG  B "C5'" 1 
ATOM   292 C "C4'" . DG  B 1 7 ? -6.501  7.912   -5.199  1.00 12.93 ? 15 DG  B "C4'" 1 
ATOM   293 O "O4'" . DG  B 1 7 ? -5.902  6.873   -4.410  1.00 11.68 ? 15 DG  B "O4'" 1 
ATOM   294 C "C3'" . DG  B 1 7 ? -5.864  9.200   -4.702  1.00 14.15 ? 15 DG  B "C3'" 1 
ATOM   295 O "O3'" . DG  B 1 7 ? -6.704  10.346  -4.942  1.00 16.46 ? 15 DG  B "O3'" 1 
ATOM   296 C "C2'" . DG  B 1 7 ? -5.793  8.921   -3.216  1.00 12.63 ? 15 DG  B "C2'" 1 
ATOM   297 C "C1'" . DG  B 1 7 ? -5.441  7.438   -3.182  1.00 12.55 ? 15 DG  B "C1'" 1 
ATOM   298 N N9    . DG  B 1 7 ? -3.995  7.272   -3.103  1.00 12.84 ? 15 DG  B N9    1 
ATOM   299 C C8    . DG  B 1 7 ? -3.087  7.012   -4.111  1.00 11.59 ? 15 DG  B C8    1 
ATOM   300 N N7    . DG  B 1 7 ? -1.845  7.020   -3.689  1.00 13.13 ? 15 DG  B N7    1 
ATOM   301 C C5    . DG  B 1 7 ? -1.945  7.283   -2.320  1.00 11.08 ? 15 DG  B C5    1 
ATOM   302 C C6    . DG  B 1 7 ? -0.938  7.429   -1.321  1.00 11.30 ? 15 DG  B C6    1 
ATOM   303 O O6    . DG  B 1 7 ? 0.288   7.385   -1.447  1.00 12.41 ? 15 DG  B O6    1 
ATOM   304 N N1    . DG  B 1 7 ? -1.489  7.668   -0.067  1.00 10.31 ? 15 DG  B N1    1 
ATOM   305 C C2    . DG  B 1 7 ? -2.832  7.764   0.203   1.00 10.78 ? 15 DG  B C2    1 
ATOM   306 N N2    . DG  B 1 7 ? -3.175  7.975   1.479   1.00 11.43 ? 15 DG  B N2    1 
ATOM   307 N N3    . DG  B 1 7 ? -3.772  7.655   -0.715  1.00 11.93 ? 15 DG  B N3    1 
ATOM   308 C C4    . DG  B 1 7 ? -3.260  7.418   -1.944  1.00 11.16 ? 15 DG  B C4    1 
ATOM   309 P P     . DG  B 1 8 ? -6.042  11.806  -5.094  1.00 17.30 ? 16 DG  B P     1 
ATOM   310 O OP1   . DG  B 1 8 ? -7.131  12.774  -5.435  1.00 20.53 ? 16 DG  B OP1   1 
ATOM   311 O OP2   . DG  B 1 8 ? -4.892  11.653  -5.991  1.00 19.23 ? 16 DG  B OP2   1 
ATOM   312 O "O5'" . DG  B 1 8 ? -5.408  12.127  -3.674  1.00 18.56 ? 16 DG  B "O5'" 1 
ATOM   313 C "C5'" . DG  B 1 8 ? -6.216  12.351  -2.545  1.00 17.82 ? 16 DG  B "C5'" 1 
ATOM   314 C "C4'" . DG  B 1 8 ? -5.351  12.491  -1.310  1.00 17.56 ? 16 DG  B "C4'" 1 
ATOM   315 O "O4'" . DG  B 1 8 ? -4.558  11.313  -1.083  1.00 15.21 ? 16 DG  B "O4'" 1 
ATOM   316 C "C3'" . DG  B 1 8 ? -4.363  13.642  -1.200  1.00 15.64 ? 16 DG  B "C3'" 1 
ATOM   317 O "O3'" . DG  B 1 8 ? -4.943  14.912  -0.903  1.00 17.37 ? 16 DG  B "O3'" 1 
ATOM   318 C "C2'" . DG  B 1 8 ? -3.549  13.183  -0.009  1.00 16.03 ? 16 DG  B "C2'" 1 
ATOM   319 C "C1'" . DG  B 1 8 ? -3.478  11.674  -0.215  1.00 15.00 ? 16 DG  B "C1'" 1 
ATOM   320 N N9    . DG  B 1 8 ? -2.221  11.256  -0.831  1.00 14.27 ? 16 DG  B N9    1 
ATOM   321 C C8    . DG  B 1 8 ? -1.976  10.945  -2.145  1.00 14.37 ? 16 DG  B C8    1 
ATOM   322 N N7    . DG  B 1 8 ? -0.735  10.605  -2.364  1.00 13.24 ? 16 DG  B N7    1 
ATOM   323 C C5    . DG  B 1 8 ? -0.129  10.695  -1.114  1.00 14.05 ? 16 DG  B C5    1 
ATOM   324 C C6    . DG  B 1 8 ? 1.198   10.429  -0.712  1.00 14.13 ? 16 DG  B C6    1 
ATOM   325 O O6    . DG  B 1 8 ? 2.147   10.015  -1.393  1.00 15.51 ? 16 DG  B O6    1 
ATOM   326 N N1    . DG  B 1 8 ? 1.379   10.661  0.651   1.00 14.80 ? 16 DG  B N1    1 
ATOM   327 C C2    . DG  B 1 8 ? 0.405   11.070  1.523   1.00 14.65 ? 16 DG  B C2    1 
ATOM   328 N N2    . DG  B 1 8 ? 0.777   11.231  2.818   1.00 14.86 ? 16 DG  B N2    1 
ATOM   329 N N3    . DG  B 1 8 ? -0.841  11.298  1.163   1.00 13.72 ? 16 DG  B N3    1 
ATOM   330 C C4    . DG  B 1 8 ? -1.032  11.100  -0.162  1.00 13.65 ? 16 DG  B C4    1 
HETATM 331 O O     . HOH C 2 . ? 0.654   0.436   0.528   1.00 17.25 ? 24 HOH A O     1 
HETATM 332 O O     . HOH C 2 . ? -1.962  -2.276  3.731   1.00 17.06 ? 25 HOH A O     1 
HETATM 333 O O     . HOH C 2 . ? 10.328  6.215   7.951   1.00 29.31 ? 26 HOH A O     1 
HETATM 334 O O     . HOH C 2 . ? 2.664   3.300   2.368   1.00 19.30 ? 28 HOH A O     1 
HETATM 335 O O     . HOH C 2 . ? 8.614   4.491   8.986   1.00 35.83 ? 30 HOH A O     1 
HETATM 336 O O     . HOH C 2 . ? -9.828  -11.082 -2.111  1.00 21.04 ? 31 HOH A O     1 
HETATM 337 O O     . HOH C 2 . ? -11.273 -7.850  -0.369  1.00 29.64 ? 32 HOH A O     1 
HETATM 338 O O     . HOH C 2 . ? -0.167  -10.456 5.473   1.00 25.30 ? 37 HOH A O     1 
HETATM 339 O O     . HOH C 2 . ? -0.419  -11.367 2.954   1.00 51.29 ? 38 HOH A O     1 
HETATM 340 O O     . HOH C 2 . ? -14.138 -7.603  0.683   1.00 42.84 ? 39 HOH A O     1 
HETATM 341 O O     . HOH C 2 . ? -5.104  -9.270  1.173   1.00 24.02 ? 40 HOH A O     1 
HETATM 342 O O     . HOH C 2 . ? -4.993  -5.091  -5.460  1.00 25.07 ? 42 HOH A O     1 
HETATM 343 O O     . HOH C 2 . ? -1.877  -5.187  2.493   1.00 30.18 ? 44 HOH A O     1 
HETATM 344 O O     . HOH C 2 . ? -4.545  -5.730  2.439   1.00 24.88 ? 45 HOH A O     1 
HETATM 345 O O     . HOH C 2 . ? -7.864  -7.011  4.137   1.00 34.80 ? 47 HOH A O     1 
HETATM 346 O O     . HOH C 2 . ? -9.417  -8.214  2.504   1.00 26.90 ? 48 HOH A O     1 
HETATM 347 O O     . HOH C 2 . ? -3.699  -8.846  7.189   1.00 52.79 ? 49 HOH A O     1 
HETATM 348 O O     . HOH C 2 . ? 2.840   -17.297 -3.864  1.00 33.83 ? 50 HOH A O     1 
HETATM 349 O O     . HOH C 2 . ? 8.655   -9.040  2.650   1.00 26.36 ? 53 HOH A O     1 
HETATM 350 O O     . HOH C 2 . ? -0.287  1.779   6.059   1.00 28.38 ? 54 HOH A O     1 
HETATM 351 O O     . HOH C 2 . ? -0.991  0.523   2.706   1.00 27.01 ? 56 HOH A O     1 
HETATM 352 O O     . HOH C 2 . ? 12.941  5.439   4.527   1.00 30.56 ? 60 HOH A O     1 
HETATM 353 O O     . HOH C 2 . ? -2.747  11.292  3.505   1.00 24.60 ? 62 HOH A O     1 
HETATM 354 O O     . HOH C 2 . ? -8.179  1.274   -1.971  1.00 44.65 ? 65 HOH A O     1 
HETATM 355 O O     . HOH C 2 . ? 4.433   5.032   0.961   1.00 34.78 ? 69 HOH A O     1 
HETATM 356 O O     . HOH C 2 . ? 9.874   3.369   1.577   1.00 41.71 ? 71 HOH A O     1 
HETATM 357 O O     . HOH C 2 . ? -11.482 2.627   -6.371  1.00 54.82 ? 72 HOH A O     1 
HETATM 358 O O     . HOH C 2 . ? -9.924  1.481   -4.425  1.00 53.54 ? 73 HOH A O     1 
HETATM 359 O O     . HOH C 2 . ? -1.356  -8.134  5.150   1.00 53.64 ? 77 HOH A O     1 
HETATM 360 O O     . HOH C 2 . ? -12.277 -5.082  2.829   1.00 44.02 ? 78 HOH A O     1 
HETATM 361 O O     . HOH C 2 . ? -4.909  -14.089 -5.337  1.00 42.70 ? 80 HOH A O     1 
HETATM 362 O O     . HOH C 2 . ? -3.259  -12.077 1.879   1.00 43.77 ? 81 HOH A O     1 
HETATM 363 O O     . HOH C 2 . ? 1.404   -19.956 -3.315  1.00 50.37 ? 83 HOH A O     1 
HETATM 364 O O     . HOH C 2 . ? 1.608   -23.046 -3.799  1.00 45.28 ? 84 HOH A O     1 
HETATM 365 O O     . HOH D 2 . ? -7.135  3.695   -3.890  1.00 20.57 ? 21 HOH B O     1 
HETATM 366 O O     . HOH D 2 . ? 0.438   7.335   -5.578  1.00 33.33 ? 22 HOH B O     1 
HETATM 367 O O     . HOH D 2 . ? 1.716   4.391   -5.247  1.00 38.24 ? 23 HOH B O     1 
HETATM 368 O O     . HOH D 2 . ? 1.470   5.657   -3.046  1.00 27.88 ? 27 HOH B O     1 
HETATM 369 O O     . HOH D 2 . ? 2.037   -0.614  2.589   1.00 19.48 ? 29 HOH B O     1 
HETATM 370 O O     . HOH D 2 . ? 1.095   12.331  5.939   1.00 45.00 ? 33 HOH B O     1 
HETATM 371 O O     . HOH D 2 . ? 8.058   -4.454  -9.166  1.00 25.63 ? 34 HOH B O     1 
HETATM 372 O O     . HOH D 2 . ? 0.912   -1.745  4.908   1.00 20.51 ? 35 HOH B O     1 
HETATM 373 O O     . HOH D 2 . ? -1.586  -5.251  6.384   1.00 18.81 ? 36 HOH B O     1 
HETATM 374 O O     . HOH D 2 . ? -4.867  -2.539  -6.025  1.00 26.87 ? 41 HOH B O     1 
HETATM 375 O O     . HOH D 2 . ? -1.411  11.275  7.380   1.00 32.50 ? 43 HOH B O     1 
HETATM 376 O O     . HOH D 2 . ? 8.522   -1.286  -9.985  1.00 54.58 ? 46 HOH B O     1 
HETATM 377 O O     . HOH D 2 . ? 6.082   -2.076  -11.926 1.00 44.23 ? 51 HOH B O     1 
HETATM 378 O O     . HOH D 2 . ? -2.078  14.851  3.315   1.00 54.04 ? 55 HOH B O     1 
HETATM 379 O O     . HOH D 2 . ? -7.196  10.554  -9.354  1.00 27.87 ? 57 HOH B O     1 
HETATM 380 O O     . HOH D 2 . ? -0.541  -2.511  9.517   1.00 31.74 ? 58 HOH B O     1 
HETATM 381 O O     . HOH D 2 . ? 3.348   2.197   6.560   1.00 26.64 ? 59 HOH B O     1 
HETATM 382 O O     . HOH D 2 . ? 0.524   -0.510  12.265  1.00 26.61 ? 61 HOH B O     1 
HETATM 383 O O     . HOH D 2 . ? -1.287  12.634  5.016   1.00 32.21 ? 63 HOH B O     1 
HETATM 384 O O     . HOH D 2 . ? -2.060  16.134  5.581   1.00 43.48 ? 64 HOH B O     1 
HETATM 385 O O     . HOH D 2 . ? 4.740   0.577   2.533   1.00 29.75 ? 67 HOH B O     1 
HETATM 386 O O     . HOH D 2 . ? 0.722   3.402   -8.845  1.00 53.15 ? 68 HOH B O     1 
HETATM 387 O O     . HOH D 2 . ? -1.113  18.779  4.669   1.00 36.93 ? 70 HOH B O     1 
HETATM 388 O O     . HOH D 2 . ? 3.749   0.767   -1.250  1.00 33.11 ? 74 HOH B O     1 
HETATM 389 O O     . HOH D 2 . ? 2.927   10.752  -4.418  1.00 40.93 ? 75 HOH B O     1 
HETATM 390 O O     . HOH D 2 . ? 2.048   8.260   -3.471  1.00 43.07 ? 76 HOH B O     1 
HETATM 391 O O     . HOH D 2 . ? -5.758  -0.049  -7.973  1.00 40.54 ? 79 HOH B O     1 
HETATM 392 O O     . HOH D 2 . ? 6.129   13.291  -5.624  1.00 41.04 ? 82 HOH B O     1 
HETATM 393 O O     . HOH D 2 . ? -2.430  11.362  -5.703  1.00 33.20 ? 85 HOH B O     1 
HETATM 394 O O     . HOH D 2 . ? 2.629   4.071   -1.523  1.00 42.52 ? 86 HOH B O     1 
HETATM 395 O O     . HOH D 2 . ? -0.574  6.106   -7.781  1.00 35.46 ? 87 HOH B O     1 
# 
